data_8VGT
#
_entry.id   8VGT
#
loop_
_entity.id
_entity.type
_entity.pdbx_description
1 polymer 'Spike protein S1'
2 polymer 'Transmembrane protease serine 2'
3 branched 2-acetamido-2-deoxy-beta-D-glucopyranose-(1-4)-2-acetamido-2-deoxy-beta-D-glucopyranose
4 non-polymer 2-acetamido-2-deoxy-beta-D-glucopyranose
#
loop_
_entity_poly.entity_id
_entity_poly.type
_entity_poly.pdbx_seq_one_letter_code
_entity_poly.pdbx_strand_id
1 'polypeptide(L)'
;MGILPSPGMPALLSLVSLLSVLLMGCVAETGTRIPDLPDCDIDKWLNNFNVPSPLNWERKIFSNCNFNLSTLLRLVHTDS
FSCNNFDESKIYGSCFKSIVLDKFAIPNSRRSDLQLGSSGFLQSSNYKIDTTSSSCQLYYSLPAINVTINNYNPSSWNRR
YGFNNFNLSSHSVVYSRYCFSVNNTFCPCAKPSFASSCKSHKPPSASCPIGTNYRSCESTTVLDHTDWCRCSCLPDPITA
YDPRSCSQKKSLVGVGEHCAGFGVDEEKCGVLDGSYNVSCLCSTDAFLGWSYDTCVSNNRCNIFSNFILNGINSGTTCSN
DLLQPNTGGSHHHHHHHH
;
A
2 'polypeptide(L)'
;MKWVTFISLLFLFSSAYSMGSKCSNSGIECDSSGTCINPSNWCDGVSHCPGGEDENRCVRLYGPNFILQVYSSQRKSWHP
VCQDDWNENYGRAACRDMGYKNNFYSSQGIVDDSGSTSFMKLNTSAGNVDIYKKLYHSDACSSKAVVSLRCIACGVNLND
DDDKIVGGESALPGAWPWQVSLHVQNVHVCGGSIITPEWIVTAAHCVEKPLNNPWHWTAFAGILRQSFMFYGAGYQVEKV
ISHPNYDSKTKNNDIALMKLQKPLTFNDLVKPVCLPNPGMMLQPEQLCWISGWGATEEKGKTSEVLNAAKVLLIETQRCN
SRYVYDNLITPAMICAGFLQGNVDSCQGDAGGPLVCSKNNIWWLIGDTSWGSGCAKAYRPGVYGNVMVFTDWIYRQMRAD
GDDDDKSGHHHHHHHH
;
B
#
loop_
_chem_comp.id
_chem_comp.type
_chem_comp.name
_chem_comp.formula
NAG D-saccharide, beta linking 2-acetamido-2-deoxy-beta-D-glucopyranose 'C8 H15 N O6'
#
# COMPACT_ATOMS: atom_id res chain seq x y z
N ASP A 39 -8.80 -60.11 -0.42
CA ASP A 39 -7.37 -59.84 -0.46
C ASP A 39 -7.07 -58.47 -1.07
N CYS A 40 -7.52 -57.40 -0.38
CA CYS A 40 -7.41 -56.03 -0.85
C CYS A 40 -5.97 -55.62 -1.12
N ASP A 41 -5.06 -56.12 -0.27
CA ASP A 41 -3.63 -55.85 -0.39
C ASP A 41 -3.32 -54.36 -0.24
N ILE A 42 -3.92 -53.73 0.78
CA ILE A 42 -3.72 -52.31 1.05
C ILE A 42 -2.30 -52.05 1.54
N ASP A 43 -1.79 -52.94 2.38
CA ASP A 43 -0.47 -52.76 2.98
C ASP A 43 0.65 -52.77 1.95
N LYS A 44 0.47 -53.48 0.85
CA LYS A 44 1.50 -53.50 -0.19
C LYS A 44 1.49 -52.17 -0.94
N TRP A 45 0.30 -51.63 -1.16
CA TRP A 45 0.18 -50.32 -1.78
C TRP A 45 0.78 -49.25 -0.88
N LEU A 46 0.46 -49.29 0.41
CA LEU A 46 0.99 -48.32 1.37
C LEU A 46 2.51 -48.41 1.51
N ASN A 47 3.04 -49.62 1.42
CA ASN A 47 4.47 -49.83 1.57
C ASN A 47 5.24 -49.69 0.27
N ASN A 48 4.55 -49.27 -0.79
CA ASN A 48 5.22 -49.05 -2.06
C ASN A 48 6.20 -47.90 -1.90
N PHE A 49 7.45 -48.15 -2.24
CA PHE A 49 8.51 -47.19 -1.97
C PHE A 49 8.51 -46.01 -2.93
N ASN A 50 7.64 -46.03 -3.93
CA ASN A 50 7.45 -44.88 -4.81
C ASN A 50 6.36 -43.97 -4.22
N VAL A 51 6.77 -43.02 -3.39
CA VAL A 51 5.83 -42.22 -2.60
C VAL A 51 5.72 -40.79 -3.14
N PRO A 52 4.51 -40.31 -3.44
CA PRO A 52 4.23 -38.99 -3.96
C PRO A 52 4.41 -37.92 -2.91
N SER A 53 4.79 -36.72 -3.35
CA SER A 53 4.76 -35.55 -2.50
C SER A 53 3.30 -35.09 -2.38
N PRO A 54 2.95 -34.26 -1.39
CA PRO A 54 1.62 -33.70 -1.18
C PRO A 54 1.08 -33.01 -2.43
N LEU A 55 1.98 -32.51 -3.26
CA LEU A 55 1.58 -31.80 -4.47
C LEU A 55 0.80 -32.70 -5.43
N ASN A 56 1.18 -33.97 -5.49
CA ASN A 56 0.55 -34.91 -6.42
C ASN A 56 0.11 -36.19 -5.73
N TRP A 57 -0.59 -36.05 -4.61
CA TRP A 57 -1.01 -37.22 -3.86
C TRP A 57 -1.77 -38.20 -4.75
N GLU A 58 -1.65 -39.49 -4.45
CA GLU A 58 -2.30 -40.53 -5.25
C GLU A 58 -3.46 -41.19 -4.54
N ARG A 59 -4.46 -41.58 -5.32
CA ARG A 59 -5.64 -42.26 -4.80
C ARG A 59 -5.79 -43.66 -5.36
N LYS A 60 -6.20 -44.59 -4.50
CA LYS A 60 -6.55 -45.94 -4.94
C LYS A 60 -7.83 -46.42 -4.26
N ILE A 61 -8.67 -47.11 -5.01
CA ILE A 61 -9.94 -47.59 -4.49
C ILE A 61 -9.92 -49.10 -4.31
N PHE A 62 -10.25 -49.54 -3.10
CA PHE A 62 -10.28 -50.96 -2.77
C PHE A 62 -11.72 -51.44 -2.56
N SER A 63 -12.14 -52.41 -3.36
CA SER A 63 -13.51 -52.91 -3.29
C SER A 63 -13.57 -54.37 -3.73
N ASN A 64 -14.67 -55.05 -3.39
CA ASN A 64 -14.84 -56.46 -3.73
C ASN A 64 -13.65 -57.29 -3.26
N CYS A 65 -13.23 -57.04 -2.02
CA CYS A 65 -12.06 -57.68 -1.41
C CYS A 65 -12.18 -57.69 0.10
N ASN A 66 -11.33 -58.46 0.76
CA ASN A 66 -11.31 -58.52 2.21
C ASN A 66 -10.03 -57.93 2.78
N PHE A 67 -10.10 -57.44 4.01
CA PHE A 67 -8.91 -56.89 4.65
C PHE A 67 -8.96 -57.10 6.15
N ASN A 68 -7.81 -56.99 6.79
CA ASN A 68 -7.72 -57.13 8.24
C ASN A 68 -6.94 -55.96 8.82
N LEU A 69 -7.63 -55.09 9.55
CA LEU A 69 -6.99 -53.88 10.06
C LEU A 69 -5.84 -54.18 11.00
N SER A 70 -5.97 -55.24 11.81
CA SER A 70 -4.93 -55.58 12.77
C SER A 70 -3.63 -55.88 12.05
N THR A 71 -3.72 -56.64 10.97
CA THR A 71 -2.57 -56.97 10.14
C THR A 71 -2.07 -55.72 9.40
N LEU A 72 -3.00 -54.96 8.85
CA LEU A 72 -2.66 -53.76 8.09
C LEU A 72 -1.75 -52.85 8.89
N LEU A 73 -2.11 -52.62 10.16
CA LEU A 73 -1.38 -51.69 11.01
C LEU A 73 -0.13 -52.30 11.63
N ARG A 74 0.15 -53.55 11.29
CA ARG A 74 1.37 -54.22 11.77
C ARG A 74 2.39 -54.36 10.67
N LEU A 75 1.91 -54.37 9.42
CA LEU A 75 2.81 -54.50 8.27
C LEU A 75 3.38 -53.15 7.84
N VAL A 76 2.93 -52.08 8.50
CA VAL A 76 3.43 -50.75 8.22
C VAL A 76 3.84 -50.14 9.58
N HIS A 77 4.96 -49.44 9.65
CA HIS A 77 5.43 -48.87 10.91
C HIS A 77 4.56 -47.68 11.29
N THR A 78 3.44 -47.98 11.95
CA THR A 78 2.45 -46.95 12.30
C THR A 78 2.89 -46.13 13.50
N ASP A 79 2.80 -44.81 13.37
CA ASP A 79 3.05 -43.91 14.48
C ASP A 79 1.74 -43.57 15.15
N SER A 80 0.70 -43.42 14.34
CA SER A 80 -0.61 -43.01 14.85
C SER A 80 -1.73 -43.48 13.94
N PHE A 81 -2.89 -43.75 14.54
CA PHE A 81 -4.09 -44.06 13.79
C PHE A 81 -5.32 -43.67 14.58
N SER A 82 -6.14 -42.80 14.00
CA SER A 82 -7.36 -42.33 14.67
C SER A 82 -8.45 -42.07 13.64
N CYS A 83 -9.71 -42.06 14.08
CA CYS A 83 -10.85 -41.88 13.20
C CYS A 83 -11.63 -40.61 13.51
N ASN A 84 -12.18 -40.02 12.45
CA ASN A 84 -12.96 -38.78 12.52
C ASN A 84 -14.44 -39.00 12.25
N ASN A 85 -15.26 -38.71 13.26
CA ASN A 85 -16.71 -38.91 13.17
C ASN A 85 -17.01 -40.36 12.81
N PHE A 86 -16.22 -41.26 13.36
CA PHE A 86 -16.33 -42.67 13.06
C PHE A 86 -15.63 -43.49 14.13
N ASP A 87 -16.30 -44.52 14.64
CA ASP A 87 -15.73 -45.33 15.70
C ASP A 87 -14.74 -46.34 15.16
N GLU A 88 -13.48 -46.22 15.59
CA GLU A 88 -12.42 -47.12 15.13
C GLU A 88 -12.74 -48.57 15.43
N SER A 89 -13.33 -48.80 16.60
CA SER A 89 -13.64 -50.15 17.06
C SER A 89 -14.76 -50.80 16.25
N LYS A 90 -15.45 -50.00 15.44
CA LYS A 90 -16.54 -50.50 14.62
C LYS A 90 -16.05 -50.95 13.26
N ILE A 91 -14.76 -50.79 13.00
CA ILE A 91 -14.18 -51.25 11.74
C ILE A 91 -14.20 -52.77 11.69
N TYR A 92 -13.87 -53.38 12.83
CA TYR A 92 -13.75 -54.83 12.89
C TYR A 92 -15.11 -55.48 12.76
N GLY A 93 -15.25 -56.38 11.78
CA GLY A 93 -16.50 -57.09 11.56
C GLY A 93 -17.49 -56.35 10.66
N SER A 94 -17.12 -55.14 10.23
CA SER A 94 -18.03 -54.35 9.40
C SER A 94 -17.74 -54.54 7.90
N CYS A 95 -18.72 -54.17 7.06
CA CYS A 95 -18.57 -54.18 5.61
C CYS A 95 -18.84 -52.81 5.02
N PHE A 96 -18.07 -52.44 4.01
CA PHE A 96 -18.19 -51.14 3.36
C PHE A 96 -18.47 -51.29 1.88
N LYS A 97 -19.12 -50.28 1.28
CA LYS A 97 -19.29 -50.29 -0.16
C LYS A 97 -17.93 -50.24 -0.84
N SER A 98 -17.08 -49.33 -0.36
CA SER A 98 -15.72 -49.21 -0.84
C SER A 98 -14.85 -48.47 0.18
N ILE A 99 -13.55 -48.69 0.11
CA ILE A 99 -12.60 -47.93 0.92
C ILE A 99 -11.62 -47.21 0.01
N VAL A 100 -11.50 -45.90 0.18
CA VAL A 100 -10.66 -45.09 -0.69
C VAL A 100 -9.48 -44.49 0.06
N LEU A 101 -8.26 -44.74 -0.45
CA LEU A 101 -7.07 -44.25 0.22
C LEU A 101 -6.32 -43.20 -0.57
N ASP A 102 -5.98 -42.10 0.10
CA ASP A 102 -5.15 -41.03 -0.47
C ASP A 102 -3.84 -40.91 0.29
N LYS A 103 -2.71 -41.15 -0.40
CA LYS A 103 -1.42 -41.14 0.31
C LYS A 103 -0.42 -40.12 -0.24
N PHE A 104 0.43 -39.61 0.65
CA PHE A 104 1.55 -38.75 0.29
C PHE A 104 2.59 -38.64 1.40
N ALA A 105 3.82 -38.26 1.02
CA ALA A 105 4.90 -38.02 1.97
C ALA A 105 4.65 -36.77 2.79
N ILE A 106 5.08 -36.78 4.04
CA ILE A 106 4.91 -35.64 4.94
C ILE A 106 6.23 -34.90 5.16
N PRO A 107 6.31 -33.61 4.81
CA PRO A 107 7.42 -32.71 5.10
C PRO A 107 7.67 -32.69 6.61
N ASN A 108 8.93 -32.80 7.04
CA ASN A 108 9.22 -32.83 8.47
C ASN A 108 8.55 -31.67 9.20
N SER A 109 8.69 -30.48 8.64
CA SER A 109 8.29 -29.25 9.30
C SER A 109 6.79 -28.99 9.31
N ARG A 110 6.01 -29.81 8.60
CA ARG A 110 4.59 -29.49 8.46
C ARG A 110 3.63 -30.63 8.81
N ARG A 111 4.05 -31.57 9.65
CA ARG A 111 3.13 -32.64 10.03
C ARG A 111 1.87 -32.09 10.70
N SER A 112 2.02 -31.03 11.49
CA SER A 112 0.91 -30.43 12.23
C SER A 112 -0.11 -29.79 11.30
N ASP A 113 0.30 -29.54 10.06
CA ASP A 113 -0.56 -28.90 9.08
C ASP A 113 -1.67 -29.85 8.63
N LEU A 114 -1.52 -31.12 9.01
CA LEU A 114 -2.48 -32.15 8.63
C LEU A 114 -3.52 -32.37 9.73
N GLN A 115 -3.51 -31.53 10.75
CA GLN A 115 -4.55 -31.60 11.78
C GLN A 115 -5.84 -31.04 11.22
N LEU A 116 -6.94 -31.76 11.43
CA LEU A 116 -8.20 -31.37 10.83
C LEU A 116 -8.63 -30.00 11.30
N GLY A 117 -9.04 -29.16 10.35
CA GLY A 117 -9.48 -27.81 10.65
C GLY A 117 -8.35 -26.79 10.44
N SER A 118 -7.13 -27.28 10.26
CA SER A 118 -5.98 -26.40 10.05
C SER A 118 -6.06 -25.75 8.67
N SER A 119 -5.45 -24.57 8.55
CA SER A 119 -5.43 -23.85 7.29
C SER A 119 -4.05 -23.25 7.02
N GLY A 120 -3.06 -24.13 6.84
CA GLY A 120 -1.71 -23.69 6.56
C GLY A 120 -1.42 -23.78 5.07
N PHE A 121 -0.65 -24.80 4.68
CA PHE A 121 -0.33 -25.04 3.28
C PHE A 121 -0.79 -26.42 2.86
N LEU A 122 -0.41 -27.44 3.60
CA LEU A 122 -0.66 -28.80 3.14
C LEU A 122 -2.15 -29.08 3.02
N GLN A 123 -2.93 -28.55 3.95
CA GLN A 123 -4.35 -28.87 3.96
C GLN A 123 -5.19 -27.87 3.17
N SER A 124 -4.56 -26.86 2.57
CA SER A 124 -5.31 -25.85 1.85
C SER A 124 -4.86 -25.67 0.41
N SER A 125 -3.61 -26.02 0.13
CA SER A 125 -3.05 -25.86 -1.21
C SER A 125 -2.65 -27.19 -1.84
N ASN A 126 -2.76 -28.28 -1.08
CA ASN A 126 -2.30 -29.57 -1.59
C ASN A 126 -3.39 -30.63 -1.46
N TYR A 127 -3.72 -30.99 -0.23
CA TYR A 127 -4.71 -32.02 0.04
C TYR A 127 -5.63 -31.64 1.19
N LYS A 128 -6.89 -31.37 0.88
CA LYS A 128 -7.84 -31.03 1.94
C LYS A 128 -8.41 -32.29 2.56
N ILE A 129 -8.45 -32.33 3.89
CA ILE A 129 -9.04 -33.45 4.60
C ILE A 129 -10.51 -33.16 4.85
N ASP A 130 -11.37 -34.10 4.47
CA ASP A 130 -12.80 -33.90 4.66
C ASP A 130 -13.15 -33.96 6.14
N THR A 131 -14.25 -33.30 6.49
CA THR A 131 -14.70 -33.25 7.88
C THR A 131 -16.13 -33.79 8.05
N THR A 132 -16.80 -34.08 6.93
CA THR A 132 -18.18 -34.55 7.02
C THR A 132 -18.31 -36.03 6.70
N SER A 133 -17.29 -36.60 6.06
CA SER A 133 -17.29 -38.01 5.72
C SER A 133 -16.63 -38.83 6.82
N SER A 134 -17.00 -40.10 6.91
CA SER A 134 -16.35 -40.98 7.88
C SER A 134 -14.99 -41.41 7.37
N SER A 135 -13.95 -41.00 8.06
CA SER A 135 -12.59 -41.25 7.60
C SER A 135 -11.67 -41.57 8.78
N CYS A 136 -10.56 -42.28 8.49
CA CYS A 136 -9.52 -42.55 9.49
C CYS A 136 -8.16 -42.13 8.94
N GLN A 137 -7.37 -41.48 9.79
CA GLN A 137 -6.07 -40.97 9.36
C GLN A 137 -4.92 -41.82 9.88
N LEU A 138 -4.15 -42.38 8.94
CA LEU A 138 -3.03 -43.24 9.29
C LEU A 138 -1.66 -42.63 9.03
N TYR A 139 -0.90 -42.47 10.09
CA TYR A 139 0.45 -41.93 10.02
C TYR A 139 1.44 -43.07 10.17
N TYR A 140 2.28 -43.28 9.18
CA TYR A 140 3.22 -44.40 9.21
C TYR A 140 4.51 -44.03 8.51
N SER A 141 5.54 -44.84 8.67
CA SER A 141 6.81 -44.53 8.02
C SER A 141 7.49 -45.74 7.41
N LEU A 142 8.27 -45.49 6.37
CA LEU A 142 9.08 -46.48 5.67
C LEU A 142 10.54 -46.09 5.74
N PRO A 143 11.48 -47.05 5.73
CA PRO A 143 12.91 -46.82 5.83
C PRO A 143 13.40 -45.93 4.70
N ALA A 144 14.10 -44.86 5.06
CA ALA A 144 14.51 -43.84 4.11
C ALA A 144 15.39 -44.43 3.01
N ILE A 145 16.22 -45.40 3.36
CA ILE A 145 17.14 -45.98 2.38
C ILE A 145 16.44 -46.61 1.17
N ASN A 146 15.17 -47.01 1.32
CA ASN A 146 14.38 -47.64 0.26
C ASN A 146 13.44 -46.66 -0.44
N VAL A 147 12.93 -45.66 0.31
CA VAL A 147 11.92 -44.72 -0.19
C VAL A 147 12.45 -43.72 -1.21
N THR A 148 11.69 -43.54 -2.29
CA THR A 148 11.99 -42.56 -3.33
C THR A 148 10.78 -41.64 -3.50
N ILE A 149 11.02 -40.32 -3.49
CA ILE A 149 9.91 -39.38 -3.58
C ILE A 149 9.64 -38.97 -5.00
N ASN A 150 8.37 -39.05 -5.40
CA ASN A 150 7.95 -38.67 -6.73
C ASN A 150 7.42 -37.24 -6.74
N ASN A 151 8.26 -36.31 -7.18
CA ASN A 151 7.88 -34.91 -7.24
C ASN A 151 7.40 -34.56 -8.65
N TYR A 152 6.11 -34.36 -8.78
CA TYR A 152 5.50 -34.10 -10.09
C TYR A 152 4.46 -33.01 -10.00
N ASN A 153 4.49 -32.08 -10.94
CA ASN A 153 3.51 -31.00 -10.98
C ASN A 153 2.33 -31.37 -11.88
N PRO A 154 1.13 -31.60 -11.31
CA PRO A 154 -0.07 -32.06 -11.96
C PRO A 154 -0.76 -30.96 -12.76
N SER A 155 -0.27 -29.73 -12.65
CA SER A 155 -0.90 -28.59 -13.31
C SER A 155 -0.55 -28.52 -14.78
N SER A 156 -1.57 -28.64 -15.62
CA SER A 156 -1.38 -28.67 -17.06
C SER A 156 -0.97 -27.32 -17.63
N TRP A 157 -1.42 -26.23 -17.01
CA TRP A 157 -1.08 -24.92 -17.55
C TRP A 157 0.34 -24.52 -17.18
N ASN A 158 0.89 -25.14 -16.14
CA ASN A 158 2.29 -24.94 -15.81
C ASN A 158 3.17 -25.65 -16.82
N ARG A 159 2.84 -26.91 -17.08
CA ARG A 159 3.63 -27.72 -17.99
C ARG A 159 3.55 -27.16 -19.41
N ARG A 160 2.36 -26.68 -19.77
CA ARG A 160 2.12 -26.11 -21.10
C ARG A 160 3.10 -24.99 -21.42
N TYR A 161 3.43 -24.18 -20.41
CA TYR A 161 4.24 -23.00 -20.63
C TYR A 161 5.68 -23.13 -20.11
N GLY A 162 6.18 -24.35 -20.00
CA GLY A 162 7.61 -24.51 -19.75
C GLY A 162 7.99 -25.21 -18.45
N PHE A 163 7.04 -25.58 -17.60
CA PHE A 163 7.43 -26.31 -16.41
C PHE A 163 7.84 -27.73 -16.80
N ASN A 164 8.96 -28.19 -16.26
CA ASN A 164 9.45 -29.52 -16.58
C ASN A 164 9.39 -30.45 -15.37
N ASN A 165 10.45 -30.40 -14.54
CA ASN A 165 10.57 -31.27 -13.39
C ASN A 165 11.22 -30.54 -12.23
N PHE A 166 11.39 -31.25 -11.11
CA PHE A 166 11.99 -30.65 -9.93
C PHE A 166 13.42 -31.15 -9.74
N ASN A 167 14.37 -30.23 -9.78
CA ASN A 167 15.80 -30.56 -9.60
C ASN A 167 16.12 -30.64 -8.12
N LEU A 168 15.69 -31.71 -7.45
CA LEU A 168 15.79 -31.87 -6.01
C LEU A 168 16.50 -33.15 -5.61
N SER A 169 17.08 -33.14 -4.42
CA SER A 169 17.78 -34.29 -3.86
C SER A 169 16.82 -35.33 -3.33
N SER A 170 17.36 -36.52 -3.04
CA SER A 170 16.56 -37.60 -2.51
C SER A 170 15.89 -37.22 -1.20
N HIS A 171 14.65 -37.69 -1.04
CA HIS A 171 13.82 -37.48 0.16
C HIS A 171 13.31 -36.05 0.27
N SER A 172 13.49 -35.27 -0.79
CA SER A 172 12.91 -33.93 -0.84
C SER A 172 11.45 -34.03 -1.25
N VAL A 173 10.58 -33.45 -0.45
CA VAL A 173 9.15 -33.51 -0.66
C VAL A 173 8.60 -32.14 -1.02
N VAL A 174 8.11 -32.01 -2.24
CA VAL A 174 7.57 -30.74 -2.73
C VAL A 174 6.12 -30.53 -2.38
N TYR A 175 5.82 -29.33 -1.88
CA TYR A 175 4.45 -28.95 -1.59
C TYR A 175 4.19 -27.53 -2.10
N SER A 176 2.93 -27.26 -2.39
CA SER A 176 2.53 -25.93 -2.83
C SER A 176 2.25 -25.04 -1.64
N ARG A 177 2.57 -23.75 -1.77
CA ARG A 177 2.22 -22.78 -0.75
C ARG A 177 1.07 -21.92 -1.22
N TYR A 178 1.02 -21.63 -2.52
CA TYR A 178 -0.09 -20.91 -3.13
C TYR A 178 -0.50 -21.62 -4.42
N CYS A 179 -1.81 -21.72 -4.66
CA CYS A 179 -2.33 -22.30 -5.89
C CYS A 179 -3.02 -21.24 -6.75
N PHE A 180 -2.81 -21.33 -8.05
CA PHE A 180 -3.41 -20.39 -8.98
C PHE A 180 -4.13 -21.08 -10.10
N SER A 181 -5.28 -20.56 -10.46
CA SER A 181 -6.04 -21.09 -11.57
C SER A 181 -6.10 -20.08 -12.69
N VAL A 182 -6.14 -20.58 -13.90
CA VAL A 182 -6.23 -19.73 -15.07
C VAL A 182 -7.28 -20.26 -16.03
N ASN A 183 -7.69 -19.44 -16.99
CA ASN A 183 -8.62 -19.84 -18.04
C ASN A 183 -7.87 -20.58 -19.15
N ASN A 184 -8.63 -21.16 -20.09
CA ASN A 184 -8.07 -21.92 -21.21
C ASN A 184 -7.47 -21.00 -22.27
N THR A 185 -7.59 -19.70 -22.03
CA THR A 185 -7.08 -18.67 -22.91
C THR A 185 -5.85 -18.00 -22.31
N PHE A 186 -5.33 -18.56 -21.24
CA PHE A 186 -4.19 -17.95 -20.55
C PHE A 186 -2.88 -18.09 -21.32
N CYS A 187 -2.12 -16.99 -21.37
CA CYS A 187 -0.76 -16.92 -21.90
C CYS A 187 0.00 -15.79 -21.19
N PRO A 188 1.13 -16.10 -20.54
CA PRO A 188 1.93 -15.19 -19.73
C PRO A 188 2.82 -14.18 -20.49
N CYS A 189 2.88 -14.27 -21.83
CA CYS A 189 3.77 -13.42 -22.63
C CYS A 189 3.01 -12.26 -23.25
N ALA A 190 3.70 -11.12 -23.37
CA ALA A 190 3.13 -9.96 -24.05
C ALA A 190 3.21 -10.15 -25.56
N LYS A 191 2.38 -9.41 -26.28
CA LYS A 191 2.38 -9.46 -27.74
C LYS A 191 3.61 -8.74 -28.27
N PRO A 192 4.43 -9.37 -29.12
CA PRO A 192 5.61 -8.83 -29.75
C PRO A 192 5.37 -7.46 -30.39
N SER A 193 4.19 -7.28 -30.99
CA SER A 193 3.85 -6.00 -31.61
C SER A 193 3.72 -4.90 -30.57
N PHE A 194 3.15 -5.23 -29.41
CA PHE A 194 3.00 -4.26 -28.34
C PHE A 194 4.35 -3.90 -27.74
N ALA A 195 5.13 -4.91 -27.39
CA ALA A 195 6.41 -4.69 -26.73
C ALA A 195 7.34 -3.86 -27.60
N SER A 196 7.24 -4.04 -28.92
CA SER A 196 8.11 -3.33 -29.87
C SER A 196 7.90 -1.82 -29.84
N SER A 197 6.78 -1.38 -29.28
CA SER A 197 6.46 0.05 -29.24
C SER A 197 6.78 0.71 -27.89
N CYS A 198 7.33 -0.04 -26.93
CA CYS A 198 7.61 0.42 -25.59
C CYS A 198 8.94 1.18 -25.53
N LYS A 199 9.00 2.24 -24.73
CA LYS A 199 10.25 2.94 -24.48
C LYS A 199 10.69 2.71 -23.06
N SER A 200 9.72 2.54 -22.17
CA SER A 200 10.02 2.28 -20.78
C SER A 200 9.29 1.04 -20.28
N HIS A 201 9.99 0.24 -19.49
CA HIS A 201 9.45 -0.98 -18.90
C HIS A 201 8.91 -1.93 -19.96
N LYS A 202 9.66 -2.04 -21.05
CA LYS A 202 9.33 -2.95 -22.13
C LYS A 202 9.29 -4.38 -21.60
N PRO A 203 8.16 -5.09 -21.78
CA PRO A 203 7.91 -6.44 -21.31
C PRO A 203 8.57 -7.47 -22.21
N PRO A 204 8.81 -8.67 -21.69
CA PRO A 204 9.04 -9.91 -22.41
C PRO A 204 7.86 -10.25 -23.30
N SER A 205 8.16 -10.75 -24.49
CA SER A 205 7.13 -11.12 -25.44
C SER A 205 7.50 -12.37 -26.23
N ALA A 206 6.47 -13.03 -26.74
CA ALA A 206 6.62 -14.24 -27.54
C ALA A 206 5.31 -14.60 -28.19
N SER A 207 5.33 -15.55 -29.12
CA SER A 207 4.08 -16.03 -29.70
C SER A 207 3.33 -16.89 -28.69
N CYS A 208 1.99 -16.90 -28.78
CA CYS A 208 1.13 -17.70 -27.91
C CYS A 208 0.41 -18.77 -28.74
N PRO A 209 0.05 -19.89 -28.11
CA PRO A 209 -0.76 -20.97 -28.67
C PRO A 209 -2.05 -20.44 -29.26
N ILE A 210 -2.50 -21.05 -30.35
CA ILE A 210 -3.72 -20.61 -30.99
C ILE A 210 -4.91 -20.86 -30.07
N GLY A 211 -5.71 -19.82 -29.85
CA GLY A 211 -6.87 -19.91 -28.99
C GLY A 211 -6.69 -19.12 -27.70
N THR A 212 -5.45 -18.78 -27.35
CA THR A 212 -5.20 -18.03 -26.13
C THR A 212 -5.03 -16.54 -26.39
N ASN A 213 -5.11 -15.75 -25.32
CA ASN A 213 -4.92 -14.31 -25.39
C ASN A 213 -3.56 -13.92 -24.84
N TYR A 214 -3.02 -12.81 -25.33
CA TYR A 214 -1.74 -12.28 -24.86
C TYR A 214 -1.87 -11.59 -23.51
N ARG A 215 -0.76 -11.49 -22.80
CA ARG A 215 -0.71 -10.81 -21.52
C ARG A 215 -1.28 -9.40 -21.66
N SER A 216 -2.12 -9.00 -20.70
CA SER A 216 -2.75 -7.69 -20.77
C SER A 216 -1.79 -6.59 -20.35
N CYS A 217 -1.51 -5.68 -21.29
CA CYS A 217 -0.61 -4.54 -21.13
C CYS A 217 -1.19 -3.30 -21.79
N GLU A 218 -0.78 -2.13 -21.31
CA GLU A 218 -1.18 -0.87 -21.94
C GLU A 218 -0.03 0.15 -21.94
N SER A 219 -0.10 1.09 -22.88
CA SER A 219 0.90 2.16 -22.97
C SER A 219 0.36 3.47 -22.40
N THR A 220 1.11 3.97 -21.41
CA THR A 220 0.71 5.15 -20.64
C THR A 220 1.75 6.25 -20.75
N THR A 221 1.49 7.42 -20.18
CA THR A 221 2.47 8.53 -20.13
C THR A 221 2.54 8.99 -18.70
N VAL A 222 3.76 9.05 -18.12
CA VAL A 222 3.94 9.46 -16.71
C VAL A 222 4.80 10.72 -16.70
N LEU A 223 4.26 11.85 -17.19
CA LEU A 223 4.96 13.16 -17.25
C LEU A 223 5.45 13.35 -18.68
N ASP A 224 6.76 13.35 -18.91
CA ASP A 224 7.30 13.44 -20.29
C ASP A 224 7.60 12.03 -20.80
N HIS A 225 7.36 11.01 -19.98
CA HIS A 225 7.53 9.59 -20.36
C HIS A 225 6.32 9.24 -21.20
N THR A 226 6.50 8.73 -22.43
CA THR A 226 5.33 8.56 -23.33
C THR A 226 4.94 7.12 -23.60
N ASP A 227 5.86 6.16 -23.65
CA ASP A 227 5.42 4.78 -24.02
C ASP A 227 5.69 3.89 -22.82
N TRP A 228 5.32 4.36 -21.65
CA TRP A 228 5.59 3.66 -20.41
C TRP A 228 4.62 2.48 -20.29
N CYS A 229 5.12 1.26 -20.47
CA CYS A 229 4.27 0.10 -20.56
C CYS A 229 3.90 -0.46 -19.18
N ARG A 230 2.60 -0.58 -18.96
CA ARG A 230 2.02 -1.07 -17.71
C ARG A 230 1.37 -2.42 -17.94
N CYS A 231 1.83 -3.45 -17.21
CA CYS A 231 1.34 -4.83 -17.37
C CYS A 231 0.80 -5.38 -16.05
N SER A 232 -0.03 -6.40 -16.15
CA SER A 232 -0.68 -7.04 -15.01
C SER A 232 0.22 -8.07 -14.29
N CYS A 233 -0.25 -8.52 -13.11
CA CYS A 233 0.44 -9.49 -12.25
C CYS A 233 1.79 -8.97 -11.79
N LEU A 234 1.86 -7.70 -11.44
CA LEU A 234 3.08 -7.12 -10.94
C LEU A 234 3.03 -6.92 -9.43
N PRO A 235 4.17 -7.10 -8.78
CA PRO A 235 5.43 -7.62 -9.27
C PRO A 235 5.34 -9.10 -9.62
N ASP A 236 4.40 -9.78 -8.97
CA ASP A 236 4.17 -11.20 -9.16
C ASP A 236 2.75 -11.50 -8.67
N PRO A 237 2.13 -12.61 -9.08
CA PRO A 237 0.78 -13.05 -8.74
C PRO A 237 0.55 -13.35 -7.26
N ILE A 238 1.61 -13.47 -6.46
CA ILE A 238 1.45 -13.81 -5.05
C ILE A 238 1.28 -12.55 -4.19
N THR A 239 2.12 -11.56 -4.47
CA THR A 239 2.10 -10.30 -3.72
C THR A 239 1.64 -9.14 -4.60
N ALA A 240 0.90 -9.46 -5.65
CA ALA A 240 0.43 -8.46 -6.60
C ALA A 240 -0.27 -7.32 -5.87
N TYR A 241 0.02 -6.09 -6.28
CA TYR A 241 -0.59 -4.93 -5.66
C TYR A 241 -2.06 -4.84 -5.98
N ASP A 242 -2.44 -5.32 -7.17
CA ASP A 242 -3.85 -5.34 -7.56
C ASP A 242 -4.24 -6.71 -8.14
N PRO A 243 -4.75 -7.61 -7.29
CA PRO A 243 -5.17 -8.96 -7.60
C PRO A 243 -6.27 -9.02 -8.66
N ARG A 244 -6.96 -7.90 -8.89
CA ARG A 244 -8.06 -7.89 -9.85
C ARG A 244 -7.55 -7.71 -11.26
N SER A 245 -6.36 -7.12 -11.39
CA SER A 245 -5.78 -6.86 -12.72
C SER A 245 -5.06 -8.09 -13.28
N CYS A 246 -4.70 -9.03 -12.39
CA CYS A 246 -3.96 -10.24 -12.74
C CYS A 246 -4.90 -11.33 -13.25
N SER A 247 -4.42 -12.08 -14.23
CA SER A 247 -5.18 -13.16 -14.85
C SER A 247 -5.10 -14.45 -14.04
N GLN A 248 -4.16 -14.48 -13.10
CA GLN A 248 -3.94 -15.67 -12.28
C GLN A 248 -4.66 -15.53 -10.95
N LYS A 249 -5.70 -16.32 -10.74
CA LYS A 249 -6.52 -16.20 -9.55
C LYS A 249 -6.08 -17.16 -8.47
N LYS A 250 -5.99 -16.66 -7.25
CA LYS A 250 -5.68 -17.60 -6.16
C LYS A 250 -6.86 -18.51 -5.95
N SER A 251 -6.62 -19.70 -5.43
CA SER A 251 -7.68 -20.63 -5.07
C SER A 251 -7.20 -21.65 -4.06
N LEU A 252 -8.13 -22.24 -3.33
CA LEU A 252 -7.81 -23.32 -2.41
C LEU A 252 -8.30 -24.64 -2.97
N VAL A 253 -7.66 -25.72 -2.59
CA VAL A 253 -8.11 -27.03 -3.06
C VAL A 253 -9.26 -27.52 -2.21
N GLY A 254 -10.27 -28.09 -2.86
CA GLY A 254 -11.39 -28.68 -2.15
C GLY A 254 -11.11 -30.15 -1.89
N VAL A 255 -12.16 -30.90 -1.59
CA VAL A 255 -11.98 -32.31 -1.28
C VAL A 255 -11.92 -33.16 -2.56
N GLY A 256 -10.83 -33.91 -2.70
CA GLY A 256 -10.68 -34.82 -3.83
C GLY A 256 -10.03 -34.19 -5.07
N GLU A 257 -9.35 -33.05 -4.91
CA GLU A 257 -8.71 -32.41 -6.06
C GLU A 257 -7.33 -31.88 -5.71
N HIS A 258 -6.49 -31.72 -6.74
CA HIS A 258 -5.11 -31.29 -6.58
C HIS A 258 -4.96 -29.77 -6.74
N CYS A 259 -3.72 -29.28 -6.55
CA CYS A 259 -3.39 -27.86 -6.69
C CYS A 259 -3.58 -27.39 -8.12
N ALA A 260 -4.21 -26.23 -8.27
CA ALA A 260 -4.47 -25.64 -9.57
C ALA A 260 -3.19 -25.38 -10.35
N GLY A 261 -2.12 -25.02 -9.64
CA GLY A 261 -0.84 -24.78 -10.27
C GLY A 261 -0.04 -23.67 -9.60
N PHE A 262 1.24 -23.60 -9.93
CA PHE A 262 2.14 -22.60 -9.40
C PHE A 262 1.93 -21.29 -10.14
N GLY A 263 1.99 -20.17 -9.43
CA GLY A 263 1.88 -18.89 -10.09
C GLY A 263 3.11 -18.64 -10.93
N VAL A 264 2.97 -17.87 -12.00
CA VAL A 264 4.11 -17.59 -12.86
C VAL A 264 4.46 -16.12 -12.87
N ASP A 265 5.74 -15.85 -12.78
CA ASP A 265 6.26 -14.50 -12.89
C ASP A 265 6.30 -14.14 -14.35
N GLU A 266 5.35 -13.31 -14.77
CA GLU A 266 5.17 -13.05 -16.19
C GLU A 266 6.25 -12.12 -16.73
N GLU A 267 7.13 -11.66 -15.83
CA GLU A 267 8.30 -10.88 -16.24
C GLU A 267 9.46 -11.78 -16.61
N LYS A 268 9.27 -13.09 -16.42
CA LYS A 268 10.29 -14.07 -16.79
C LYS A 268 9.86 -14.99 -17.94
N CYS A 269 8.63 -14.80 -18.46
CA CYS A 269 8.09 -15.62 -19.54
C CYS A 269 8.28 -14.92 -20.87
N GLY A 270 8.77 -15.67 -21.86
CA GLY A 270 9.11 -15.10 -23.15
C GLY A 270 10.47 -14.42 -23.06
N VAL A 271 10.80 -13.59 -24.03
CA VAL A 271 12.10 -12.92 -24.03
C VAL A 271 11.95 -11.43 -24.27
N LEU A 272 12.92 -10.65 -23.83
CA LEU A 272 12.87 -9.21 -24.09
C LEU A 272 13.26 -8.94 -25.53
N ASP A 273 12.52 -8.06 -26.19
CA ASP A 273 12.71 -7.78 -27.61
C ASP A 273 12.50 -9.07 -28.40
N GLY A 274 11.40 -9.76 -28.10
CA GLY A 274 11.09 -11.04 -28.72
C GLY A 274 10.37 -10.87 -30.04
N SER A 275 9.87 -11.98 -30.57
CA SER A 275 9.26 -12.01 -31.89
C SER A 275 8.34 -13.20 -32.02
N TYR A 276 7.64 -13.28 -33.14
CA TYR A 276 6.72 -14.38 -33.41
C TYR A 276 7.47 -15.65 -33.83
N ASN A 277 8.80 -15.57 -33.87
CA ASN A 277 9.60 -16.73 -34.21
C ASN A 277 10.02 -17.51 -32.97
N VAL A 278 9.59 -17.03 -31.80
CA VAL A 278 9.91 -17.69 -30.54
C VAL A 278 8.63 -18.04 -29.76
N SER A 279 8.57 -19.27 -29.24
CA SER A 279 7.41 -19.72 -28.49
C SER A 279 7.43 -19.17 -27.06
N CYS A 280 6.24 -18.85 -26.53
CA CYS A 280 6.11 -18.38 -25.15
C CYS A 280 6.38 -19.47 -24.14
N LEU A 281 7.64 -19.54 -23.70
CA LEU A 281 8.09 -20.49 -22.70
C LEU A 281 8.66 -19.76 -21.49
N CYS A 282 8.34 -20.24 -20.29
CA CYS A 282 8.80 -19.62 -19.05
C CYS A 282 10.06 -20.31 -18.52
N SER A 283 10.91 -19.55 -17.82
CA SER A 283 12.09 -20.10 -17.20
C SER A 283 11.72 -20.83 -15.91
N THR A 284 12.66 -21.62 -15.39
CA THR A 284 12.39 -22.45 -14.22
C THR A 284 12.12 -21.61 -12.96
N ASP A 285 12.74 -20.45 -12.88
CA ASP A 285 12.58 -19.58 -11.73
C ASP A 285 11.44 -18.60 -11.92
N ALA A 286 10.62 -18.87 -12.93
CA ALA A 286 9.39 -18.11 -13.16
C ALA A 286 8.28 -18.70 -12.32
N PHE A 287 8.47 -19.93 -11.83
CA PHE A 287 7.41 -20.62 -11.13
C PHE A 287 7.50 -20.42 -9.62
N LEU A 288 6.52 -19.71 -9.09
CA LEU A 288 6.53 -19.24 -7.71
C LEU A 288 5.49 -19.95 -6.85
N GLY A 289 5.62 -19.79 -5.54
CA GLY A 289 4.58 -20.25 -4.63
C GLY A 289 4.72 -21.71 -4.25
N TRP A 290 5.94 -22.23 -4.28
CA TRP A 290 6.17 -23.61 -3.86
C TRP A 290 7.47 -23.71 -3.07
N SER A 291 7.58 -24.77 -2.28
CA SER A 291 8.79 -25.03 -1.51
C SER A 291 8.92 -26.50 -1.21
N TYR A 292 9.94 -26.88 -0.47
CA TYR A 292 10.14 -28.28 -0.15
C TYR A 292 10.86 -28.48 1.18
N ASP A 293 10.68 -29.66 1.74
CA ASP A 293 11.36 -30.09 2.95
C ASP A 293 11.73 -31.55 2.81
N THR A 294 12.37 -32.13 3.81
CA THR A 294 12.71 -33.54 3.74
C THR A 294 11.75 -34.34 4.62
N CYS A 295 11.46 -35.62 4.23
CA CYS A 295 10.73 -36.52 5.08
C CYS A 295 11.68 -37.56 5.70
N VAL A 296 12.35 -37.13 6.77
CA VAL A 296 13.38 -37.95 7.39
C VAL A 296 13.39 -37.79 8.90
N SER A 297 13.03 -38.85 9.61
CA SER A 297 13.15 -38.90 11.06
C SER A 297 13.58 -40.31 11.46
N ASN A 298 14.66 -40.41 12.23
CA ASN A 298 15.20 -41.71 12.61
C ASN A 298 15.44 -42.57 11.38
N ASN A 299 15.93 -41.93 10.32
CA ASN A 299 16.19 -42.59 9.04
C ASN A 299 14.94 -43.21 8.42
N ARG A 300 13.78 -42.59 8.63
CA ARG A 300 12.54 -43.07 8.02
C ARG A 300 11.75 -41.91 7.40
N CYS A 301 10.99 -42.20 6.33
CA CYS A 301 10.13 -41.22 5.68
C CYS A 301 8.70 -41.32 6.19
N ASN A 302 8.21 -40.20 6.74
CA ASN A 302 6.86 -40.13 7.27
C ASN A 302 5.85 -39.96 6.14
N ILE A 303 4.83 -40.80 6.15
CA ILE A 303 3.82 -40.81 5.10
C ILE A 303 2.41 -40.72 5.69
N PHE A 304 1.56 -39.94 5.04
CA PHE A 304 0.17 -39.78 5.45
C PHE A 304 -0.75 -40.57 4.53
N SER A 305 -1.71 -41.28 5.11
CA SER A 305 -2.72 -41.97 4.32
C SER A 305 -4.11 -41.82 4.91
N ASN A 306 -5.00 -41.20 4.15
CA ASN A 306 -6.37 -41.00 4.61
C ASN A 306 -7.31 -42.09 4.10
N PHE A 307 -7.93 -42.81 5.02
CA PHE A 307 -8.88 -43.87 4.71
C PHE A 307 -10.30 -43.35 4.71
N ILE A 308 -10.95 -43.39 3.57
CA ILE A 308 -12.33 -42.95 3.47
C ILE A 308 -13.25 -44.16 3.43
N LEU A 309 -14.18 -44.23 4.39
CA LEU A 309 -15.11 -45.35 4.46
C LEU A 309 -16.41 -44.96 3.79
N ASN A 310 -16.67 -45.55 2.62
CA ASN A 310 -17.89 -45.22 1.90
C ASN A 310 -18.95 -46.29 2.04
N GLY A 311 -20.08 -45.92 2.64
CA GLY A 311 -21.21 -46.83 2.80
C GLY A 311 -21.07 -47.69 4.03
N GLY A 315 -22.40 -53.33 1.55
CA GLY A 315 -21.35 -53.62 0.57
C GLY A 315 -20.65 -54.93 0.86
N THR A 316 -19.54 -55.17 0.17
CA THR A 316 -18.84 -56.44 0.26
C THR A 316 -17.42 -56.30 0.82
N THR A 317 -16.97 -55.06 1.05
CA THR A 317 -15.60 -54.85 1.49
C THR A 317 -15.53 -55.05 3.00
N CYS A 318 -15.44 -56.32 3.42
CA CYS A 318 -15.62 -56.72 4.82
C CYS A 318 -14.30 -56.92 5.55
N SER A 319 -14.26 -56.45 6.80
CA SER A 319 -13.12 -56.64 7.68
C SER A 319 -13.30 -57.88 8.55
N ASN A 320 -13.04 -59.05 7.98
CA ASN A 320 -13.23 -60.29 8.72
C ASN A 320 -11.98 -60.65 9.51
N ASP A 321 -11.66 -59.79 10.48
CA ASP A 321 -10.44 -59.87 11.27
C ASP A 321 -10.71 -60.56 12.61
N ASN B 41 26.29 30.10 14.25
CA ASN B 41 26.35 31.09 13.17
C ASN B 41 25.12 30.99 12.25
N TRP B 42 23.93 30.80 12.85
CA TRP B 42 22.66 30.68 12.12
C TRP B 42 21.63 31.71 12.59
N CYS B 43 21.42 31.80 13.91
CA CYS B 43 20.46 32.70 14.53
C CYS B 43 21.09 33.55 15.62
N ASP B 44 22.30 34.06 15.34
CA ASP B 44 23.02 34.84 16.33
C ASP B 44 22.66 36.33 16.30
N GLY B 45 21.76 36.74 15.41
CA GLY B 45 21.34 38.13 15.35
C GLY B 45 22.20 38.95 14.40
N VAL B 46 23.13 38.27 13.72
CA VAL B 46 23.98 38.93 12.75
C VAL B 46 23.44 38.67 11.35
N SER B 47 23.19 39.73 10.60
CA SER B 47 22.54 39.59 9.31
C SER B 47 23.41 38.85 8.30
N HIS B 48 24.71 39.12 8.33
CA HIS B 48 25.69 38.53 7.40
C HIS B 48 25.14 37.47 6.45
N CYS B 49 24.24 37.87 5.56
CA CYS B 49 23.62 36.95 4.60
C CYS B 49 22.81 37.74 3.56
N PRO B 50 23.10 37.57 2.26
CA PRO B 50 22.52 38.32 1.16
C PRO B 50 21.02 38.13 1.02
N GLY B 51 20.49 37.03 1.57
CA GLY B 51 19.06 36.76 1.49
C GLY B 51 18.37 36.85 2.85
N GLY B 52 19.14 36.68 3.93
CA GLY B 52 18.59 36.68 5.28
C GLY B 52 17.79 35.42 5.56
N GLU B 53 18.10 34.35 4.83
CA GLU B 53 17.34 33.10 4.92
C GLU B 53 17.44 32.43 6.29
N ASP B 54 18.57 32.61 6.96
CA ASP B 54 18.80 32.00 8.26
C ASP B 54 18.12 32.78 9.38
N GLU B 55 18.36 34.09 9.41
CA GLU B 55 17.80 34.97 10.43
C GLU B 55 16.27 34.99 10.41
N ASN B 56 15.69 34.81 9.24
CA ASN B 56 14.25 34.85 9.07
C ASN B 56 13.52 33.68 9.74
N ARG B 57 14.23 32.58 9.99
CA ARG B 57 13.59 31.37 10.52
C ARG B 57 14.30 30.78 11.74
N CYS B 58 14.04 31.37 12.92
CA CYS B 58 14.69 30.94 14.17
C CYS B 58 13.68 30.47 15.22
N VAL B 59 12.39 30.63 14.95
CA VAL B 59 11.34 30.22 15.88
C VAL B 59 10.34 29.31 15.18
N ARG B 60 10.02 28.17 15.80
CA ARG B 60 9.09 27.23 15.19
C ARG B 60 8.17 26.58 16.22
N LEU B 61 7.11 25.96 15.73
CA LEU B 61 6.27 25.10 16.56
C LEU B 61 6.59 23.65 16.24
N TYR B 62 6.55 22.78 17.25
CA TYR B 62 6.93 21.39 17.07
C TYR B 62 5.85 20.40 17.47
N GLY B 63 5.63 19.41 16.60
CA GLY B 63 4.70 18.32 16.85
C GLY B 63 3.24 18.77 16.86
N PRO B 64 2.32 17.83 17.12
CA PRO B 64 0.88 18.00 17.20
C PRO B 64 0.44 18.90 18.36
N ASN B 65 1.36 19.15 19.30
CA ASN B 65 1.03 19.98 20.47
C ASN B 65 1.58 21.40 20.36
N PHE B 66 2.05 21.76 19.17
CA PHE B 66 2.49 23.13 18.91
C PHE B 66 3.48 23.62 19.95
N ILE B 67 4.48 22.81 20.27
CA ILE B 67 5.47 23.20 21.26
C ILE B 67 6.40 24.25 20.68
N LEU B 68 6.58 25.34 21.40
CA LEU B 68 7.42 26.42 20.92
C LEU B 68 8.88 26.10 21.11
N GLN B 69 9.64 26.12 20.02
CA GLN B 69 11.06 25.86 20.05
C GLN B 69 11.85 26.97 19.39
N VAL B 70 13.03 27.25 19.90
CA VAL B 70 13.89 28.27 19.34
C VAL B 70 15.28 27.73 19.03
N TYR B 71 15.82 28.13 17.89
CA TYR B 71 17.13 27.66 17.47
C TYR B 71 18.23 28.44 18.15
N SER B 72 19.19 27.73 18.72
CA SER B 72 20.31 28.39 19.38
C SER B 72 21.59 28.20 18.58
N SER B 73 22.29 29.30 18.34
CA SER B 73 23.53 29.28 17.57
C SER B 73 24.67 28.68 18.37
N GLN B 74 24.50 28.62 19.69
CA GLN B 74 25.55 28.12 20.55
C GLN B 74 25.67 26.60 20.48
N ARG B 75 24.53 25.93 20.30
CA ARG B 75 24.49 24.48 20.29
C ARG B 75 24.01 23.94 18.94
N LYS B 76 23.69 24.84 18.03
CA LYS B 76 23.27 24.48 16.68
C LYS B 76 22.11 23.51 16.68
N SER B 77 21.09 23.82 17.48
CA SER B 77 19.92 22.96 17.59
C SER B 77 18.68 23.69 18.11
N TRP B 78 17.54 23.05 17.97
CA TRP B 78 16.26 23.58 18.45
C TRP B 78 15.99 23.14 19.89
N HIS B 79 15.58 24.09 20.74
CA HIS B 79 15.26 23.78 22.12
C HIS B 79 13.94 24.44 22.53
N PRO B 80 13.06 23.72 23.24
CA PRO B 80 11.80 24.19 23.78
C PRO B 80 11.98 25.37 24.70
N VAL B 81 11.03 26.30 24.66
CA VAL B 81 10.99 27.44 25.55
C VAL B 81 10.08 27.11 26.72
N CYS B 82 10.59 27.36 27.93
CA CYS B 82 9.87 27.08 29.17
C CYS B 82 8.92 28.22 29.53
N GLN B 83 7.94 27.97 30.41
CA GLN B 83 6.91 28.97 30.69
C GLN B 83 7.15 29.92 31.86
N ASP B 84 8.24 29.75 32.59
CA ASP B 84 8.56 30.69 33.70
C ASP B 84 8.67 32.13 33.15
N ASP B 85 7.91 33.08 33.69
CA ASP B 85 7.96 34.48 33.27
C ASP B 85 7.59 34.65 31.80
N TRP B 86 6.87 33.66 31.27
CA TRP B 86 6.33 33.74 29.92
C TRP B 86 4.87 34.20 29.97
N ASN B 87 4.46 34.97 28.98
CA ASN B 87 3.09 35.47 28.94
C ASN B 87 2.59 35.63 27.50
N GLU B 88 1.37 36.12 27.35
CA GLU B 88 0.76 36.29 26.04
C GLU B 88 1.50 37.32 25.19
N ASN B 89 2.07 38.33 25.83
CA ASN B 89 2.82 39.35 25.11
C ASN B 89 4.02 38.71 24.39
N TYR B 90 4.65 37.73 25.03
CA TYR B 90 5.78 37.04 24.43
C TYR B 90 5.30 36.06 23.37
N GLY B 91 4.14 35.46 23.61
CA GLY B 91 3.54 34.54 22.64
C GLY B 91 3.21 35.28 21.34
N ARG B 92 2.65 36.47 21.48
CA ARG B 92 2.31 37.28 20.32
C ARG B 92 3.56 37.69 19.55
N ALA B 93 4.63 37.99 20.28
CA ALA B 93 5.90 38.33 19.65
C ALA B 93 6.40 37.18 18.79
N ALA B 94 6.31 35.97 19.33
CA ALA B 94 6.76 34.77 18.62
C ALA B 94 5.91 34.47 17.37
N CYS B 95 4.60 34.76 17.41
CA CYS B 95 3.72 34.56 16.26
C CYS B 95 4.06 35.51 15.11
N ARG B 96 4.27 36.78 15.45
CA ARG B 96 4.56 37.76 14.42
C ARG B 96 5.87 37.42 13.71
N ASP B 97 6.86 36.95 14.46
CA ASP B 97 8.15 36.57 13.90
C ASP B 97 8.11 35.24 13.19
N MET B 98 6.93 34.60 13.19
CA MET B 98 6.77 33.32 12.54
C MET B 98 5.89 33.48 11.30
N GLY B 99 5.56 34.71 10.97
CA GLY B 99 4.79 35.01 9.78
C GLY B 99 3.28 35.02 9.98
N TYR B 100 2.83 35.15 11.22
CA TYR B 100 1.39 35.18 11.48
C TYR B 100 0.88 36.58 11.79
N LYS B 101 1.72 37.58 11.55
CA LYS B 101 1.33 38.97 11.74
C LYS B 101 0.65 39.21 13.09
N ASN B 102 -0.62 39.58 13.06
CA ASN B 102 -1.33 39.96 14.28
C ASN B 102 -2.32 38.88 14.73
N ASN B 103 -2.17 37.67 14.20
CA ASN B 103 -3.03 36.56 14.60
C ASN B 103 -2.50 35.91 15.87
N PHE B 104 -3.41 35.54 16.75
CA PHE B 104 -3.09 34.83 17.98
C PHE B 104 -4.30 34.08 18.49
N TYR B 105 -4.12 32.83 18.89
CA TYR B 105 -5.24 32.05 19.39
C TYR B 105 -5.11 31.73 20.87
N SER B 106 -4.05 31.03 21.25
CA SER B 106 -3.88 30.64 22.64
C SER B 106 -2.43 30.34 22.98
N SER B 107 -2.11 30.45 24.27
CA SER B 107 -0.78 30.10 24.76
C SER B 107 -0.87 29.56 26.17
N GLN B 108 -0.36 28.34 26.37
CA GLN B 108 -0.40 27.72 27.69
C GLN B 108 0.75 26.74 27.88
N GLY B 109 0.82 26.14 29.07
CA GLY B 109 1.92 25.24 29.39
C GLY B 109 1.52 23.77 29.29
N ILE B 110 2.45 22.95 28.85
CA ILE B 110 2.27 21.50 28.77
C ILE B 110 3.44 20.76 29.40
N VAL B 111 3.25 19.48 29.67
CA VAL B 111 4.36 18.64 30.08
C VAL B 111 5.13 18.20 28.85
N ASP B 112 6.45 18.27 28.90
CA ASP B 112 7.26 17.98 27.72
C ASP B 112 7.01 16.60 27.16
N ASP B 113 6.92 16.52 25.84
CA ASP B 113 6.82 15.24 25.16
C ASP B 113 7.76 15.19 23.96
N SER B 114 8.65 16.17 23.82
CA SER B 114 9.61 16.16 22.73
C SER B 114 10.84 15.37 23.11
N GLY B 115 11.01 15.11 24.41
CA GLY B 115 12.15 14.34 24.89
C GLY B 115 13.39 15.21 25.00
N SER B 116 13.18 16.46 25.38
CA SER B 116 14.29 17.40 25.50
C SER B 116 14.83 17.41 26.92
N THR B 117 16.13 17.70 27.04
CA THR B 117 16.76 17.80 28.34
C THR B 117 17.07 19.24 28.69
N SER B 118 17.37 20.04 27.67
CA SER B 118 17.72 21.44 27.86
C SER B 118 16.57 22.34 27.43
N PHE B 119 16.30 23.36 28.22
CA PHE B 119 15.20 24.27 27.96
C PHE B 119 15.68 25.70 27.99
N MET B 120 14.98 26.60 27.32
CA MET B 120 15.40 27.99 27.32
C MET B 120 14.49 28.86 28.17
N LYS B 121 15.13 29.76 28.91
CA LYS B 121 14.37 30.64 29.83
C LYS B 121 14.44 32.08 29.31
N LEU B 122 13.43 32.88 29.64
CA LEU B 122 13.31 34.25 29.16
C LEU B 122 14.13 35.21 30.03
N ASN B 123 15.06 35.92 29.40
CA ASN B 123 15.93 36.92 30.04
C ASN B 123 15.13 38.15 30.46
N VAL B 129 15.09 43.39 21.47
CA VAL B 129 15.64 42.45 20.50
C VAL B 129 14.56 41.47 20.02
N ASP B 130 14.86 40.73 18.97
CA ASP B 130 13.97 39.70 18.47
C ASP B 130 13.70 38.67 19.55
N ILE B 131 12.53 38.04 19.52
CA ILE B 131 12.14 37.13 20.59
C ILE B 131 13.17 36.02 20.85
N TYR B 132 13.84 35.54 19.81
CA TYR B 132 14.79 34.45 19.97
C TYR B 132 16.07 34.91 20.65
N LYS B 133 16.25 36.23 20.73
CA LYS B 133 17.42 36.83 21.37
C LYS B 133 17.16 37.13 22.83
N LYS B 134 15.94 36.86 23.29
CA LYS B 134 15.56 37.12 24.67
C LYS B 134 15.67 35.86 25.51
N LEU B 135 16.21 34.79 24.92
CA LEU B 135 16.26 33.50 25.58
C LEU B 135 17.69 33.05 25.87
N TYR B 136 17.85 32.28 26.95
CA TYR B 136 19.14 31.68 27.28
C TYR B 136 18.95 30.26 27.80
N HIS B 137 20.01 29.45 27.71
CA HIS B 137 19.91 28.05 28.10
C HIS B 137 19.89 27.83 29.60
N SER B 138 19.12 26.83 30.01
CA SER B 138 19.07 26.39 31.39
C SER B 138 18.76 24.90 31.45
N ASP B 139 19.20 24.23 32.52
CA ASP B 139 18.93 22.81 32.67
C ASP B 139 17.48 22.56 33.05
N ALA B 140 16.94 23.31 34.00
CA ALA B 140 15.57 23.00 34.47
C ALA B 140 14.87 24.28 34.90
N CYS B 141 13.65 24.46 34.43
CA CYS B 141 12.98 25.75 34.73
C CYS B 141 11.90 25.53 35.82
N SER B 142 11.82 26.44 36.79
CA SER B 142 10.87 26.28 37.91
C SER B 142 9.52 25.75 37.43
N SER B 143 8.81 26.49 36.57
CA SER B 143 7.44 26.07 36.15
C SER B 143 7.45 24.61 35.71
N LYS B 144 8.55 24.14 35.12
CA LYS B 144 8.63 22.76 34.60
C LYS B 144 7.54 22.61 33.52
N ALA B 145 7.00 23.73 33.04
CA ALA B 145 6.04 23.60 31.95
C ALA B 145 6.63 24.19 30.70
N VAL B 146 6.34 23.57 29.56
CA VAL B 146 6.84 24.02 28.27
C VAL B 146 5.78 24.81 27.52
N VAL B 147 6.19 25.89 26.87
CA VAL B 147 5.24 26.73 26.16
C VAL B 147 4.67 26.05 24.94
N SER B 148 3.33 26.01 24.87
CA SER B 148 2.59 25.53 23.72
C SER B 148 1.82 26.70 23.11
N LEU B 149 2.18 27.05 21.88
CA LEU B 149 1.68 28.27 21.28
C LEU B 149 0.92 28.04 19.98
N ARG B 150 -0.31 28.53 19.92
CA ARG B 150 -1.10 28.47 18.71
C ARG B 150 -1.40 29.86 18.21
N CYS B 151 -0.89 30.19 17.02
CA CYS B 151 -0.97 31.53 16.44
C CYS B 151 -2.26 31.73 15.65
N ILE B 152 -3.02 30.66 15.49
CA ILE B 152 -4.27 30.74 14.75
C ILE B 152 -5.17 29.55 15.08
N ALA B 153 -6.47 29.79 15.07
CA ALA B 153 -7.44 28.72 15.24
C ALA B 153 -7.67 28.04 13.88
N CYS B 154 -7.35 26.75 13.80
CA CYS B 154 -7.36 26.03 12.53
C CYS B 154 -7.62 24.54 12.72
N GLY B 155 -7.94 23.86 11.62
CA GLY B 155 -8.01 22.41 11.59
C GLY B 155 -9.30 21.85 12.19
N VAL B 156 -10.37 22.63 12.18
CA VAL B 156 -11.64 22.21 12.75
C VAL B 156 -12.78 22.25 11.73
N ASN B 157 -13.60 21.20 11.72
CA ASN B 157 -14.73 21.11 10.81
C ASN B 157 -15.94 20.49 11.52
N LEU B 158 -17.05 20.35 10.80
CA LEU B 158 -18.26 19.74 11.35
C LEU B 158 -18.31 18.26 11.00
N ILE B 165 -13.37 14.55 -7.27
CA ILE B 165 -12.64 13.37 -6.69
C ILE B 165 -13.34 12.09 -7.18
N VAL B 166 -12.59 11.10 -7.63
CA VAL B 166 -13.17 9.82 -8.06
C VAL B 166 -13.32 8.85 -6.89
N GLY B 167 -14.51 8.26 -6.78
CA GLY B 167 -14.75 7.25 -5.75
C GLY B 167 -15.15 7.86 -4.42
N GLY B 168 -15.70 9.07 -4.47
CA GLY B 168 -16.12 9.75 -3.25
C GLY B 168 -17.60 10.09 -3.31
N GLU B 169 -18.00 11.03 -2.45
CA GLU B 169 -19.39 11.44 -2.35
C GLU B 169 -19.49 12.92 -2.04
N SER B 170 -20.64 13.50 -2.32
CA SER B 170 -20.82 14.94 -2.12
C SER B 170 -20.54 15.34 -0.69
N ALA B 171 -19.82 16.45 -0.54
CA ALA B 171 -19.48 16.98 0.77
C ALA B 171 -20.67 17.69 1.39
N LEU B 172 -20.72 17.69 2.71
CA LEU B 172 -21.73 18.44 3.45
C LEU B 172 -21.19 19.83 3.75
N PRO B 173 -22.07 20.81 4.00
CA PRO B 173 -21.73 22.13 4.46
C PRO B 173 -20.87 22.07 5.72
N GLY B 174 -19.73 22.73 5.69
CA GLY B 174 -18.84 22.78 6.84
C GLY B 174 -17.95 21.55 6.96
N ALA B 175 -18.07 20.62 6.01
CA ALA B 175 -17.26 19.40 6.06
C ALA B 175 -15.80 19.69 5.76
N TRP B 176 -15.55 20.58 4.81
CA TRP B 176 -14.19 20.93 4.42
C TRP B 176 -14.05 22.44 4.23
N PRO B 177 -14.07 23.20 5.32
CA PRO B 177 -14.15 24.65 5.39
C PRO B 177 -12.99 25.36 4.71
N TRP B 178 -11.89 24.65 4.50
CA TRP B 178 -10.70 25.23 3.92
C TRP B 178 -10.65 25.16 2.41
N GLN B 179 -11.62 24.48 1.80
CA GLN B 179 -11.64 24.36 0.34
C GLN B 179 -11.87 25.67 -0.37
N VAL B 180 -11.02 25.95 -1.36
CA VAL B 180 -11.17 27.10 -2.23
C VAL B 180 -11.20 26.70 -3.70
N SER B 181 -12.15 27.25 -4.43
CA SER B 181 -12.20 27.08 -5.89
C SER B 181 -11.57 28.30 -6.55
N LEU B 182 -10.52 28.07 -7.32
CA LEU B 182 -9.79 29.15 -7.97
C LEU B 182 -10.18 29.24 -9.44
N HIS B 183 -10.78 30.37 -9.81
CA HIS B 183 -11.29 30.60 -11.15
C HIS B 183 -10.40 31.51 -11.97
N VAL B 184 -10.37 31.26 -13.27
CA VAL B 184 -9.79 32.17 -14.24
C VAL B 184 -10.79 32.43 -15.34
N GLN B 185 -11.01 33.66 -15.76
CA GLN B 185 -12.07 33.90 -16.77
C GLN B 185 -13.33 33.19 -16.28
N ASN B 186 -13.68 33.36 -15.01
CA ASN B 186 -14.86 32.72 -14.42
C ASN B 186 -15.08 31.27 -14.85
N VAL B 187 -14.00 30.51 -14.86
CA VAL B 187 -14.05 29.06 -15.05
C VAL B 187 -13.11 28.38 -14.06
N HIS B 188 -13.59 27.34 -13.39
CA HIS B 188 -12.74 26.62 -12.44
C HIS B 188 -11.50 26.08 -13.11
N VAL B 189 -10.33 26.42 -12.57
CA VAL B 189 -9.07 25.91 -13.09
C VAL B 189 -8.40 24.95 -12.11
N CYS B 190 -8.29 25.39 -10.85
CA CYS B 190 -7.59 24.69 -9.78
C CYS B 190 -8.24 24.99 -8.45
N GLY B 191 -7.81 24.30 -7.41
CA GLY B 191 -8.30 24.59 -6.08
C GLY B 191 -7.16 25.02 -5.18
N GLY B 192 -7.47 25.18 -3.91
CA GLY B 192 -6.48 25.57 -2.93
C GLY B 192 -6.98 25.38 -1.51
N SER B 193 -6.17 25.77 -0.55
CA SER B 193 -6.52 25.59 0.85
C SER B 193 -6.22 26.82 1.70
N ILE B 194 -7.19 27.22 2.50
CA ILE B 194 -7.04 28.37 3.37
C ILE B 194 -6.12 28.07 4.55
N ILE B 195 -5.09 28.89 4.71
CA ILE B 195 -4.19 28.75 5.86
C ILE B 195 -4.32 29.93 6.81
N THR B 196 -4.44 31.13 6.27
CA THR B 196 -4.67 32.34 7.05
C THR B 196 -5.73 33.15 6.28
N PRO B 197 -6.37 34.15 6.88
CA PRO B 197 -7.42 34.96 6.28
C PRO B 197 -7.09 35.45 4.87
N GLU B 198 -5.82 35.79 4.62
CA GLU B 198 -5.45 36.30 3.31
C GLU B 198 -4.48 35.42 2.53
N TRP B 199 -4.21 34.20 3.01
CA TRP B 199 -3.27 33.31 2.31
C TRP B 199 -3.86 31.95 1.98
N ILE B 200 -3.72 31.56 0.71
CA ILE B 200 -4.23 30.30 0.18
C ILE B 200 -3.10 29.48 -0.46
N VAL B 201 -3.02 28.20 -0.10
CA VAL B 201 -2.02 27.30 -0.66
C VAL B 201 -2.55 26.60 -1.90
N THR B 202 -1.76 26.62 -2.98
CA THR B 202 -2.13 25.95 -4.22
C THR B 202 -0.91 25.35 -4.90
N ALA B 203 -1.06 24.92 -6.15
CA ALA B 203 0.02 24.29 -6.91
C ALA B 203 0.68 25.29 -7.85
N ALA B 204 1.94 25.04 -8.21
CA ALA B 204 2.70 25.95 -9.06
C ALA B 204 2.41 25.73 -10.53
N HIS B 205 2.15 24.49 -10.91
CA HIS B 205 1.86 24.22 -12.32
C HIS B 205 0.54 24.87 -12.77
N CYS B 206 -0.32 25.24 -11.80
CA CYS B 206 -1.60 25.90 -12.06
C CYS B 206 -1.41 27.34 -12.51
N VAL B 207 -0.28 27.94 -12.12
CA VAL B 207 -0.09 29.37 -12.29
C VAL B 207 1.09 29.71 -13.18
N GLU B 208 1.44 28.80 -14.08
CA GLU B 208 2.51 29.04 -15.03
C GLU B 208 2.07 30.06 -16.07
N LYS B 209 3.03 30.81 -16.59
CA LYS B 209 2.75 31.80 -17.64
C LYS B 209 1.77 31.34 -18.71
N PRO B 210 0.78 32.19 -19.02
CA PRO B 210 0.71 33.56 -18.52
C PRO B 210 -0.18 33.72 -17.29
N LEU B 211 -0.54 32.61 -16.64
CA LEU B 211 -1.39 32.67 -15.45
C LEU B 211 -0.61 33.09 -14.22
N ASN B 212 0.63 33.52 -14.42
CA ASN B 212 1.45 34.00 -13.31
C ASN B 212 1.05 35.41 -12.90
N ASN B 213 0.14 36.02 -13.66
CA ASN B 213 -0.36 37.35 -13.35
C ASN B 213 -1.60 37.27 -12.44
N PRO B 214 -1.51 37.80 -11.20
CA PRO B 214 -2.51 37.74 -10.14
C PRO B 214 -3.91 38.17 -10.56
N TRP B 215 -4.01 39.13 -11.46
CA TRP B 215 -5.32 39.69 -11.83
C TRP B 215 -6.18 38.73 -12.65
N HIS B 216 -5.63 37.56 -12.99
CA HIS B 216 -6.41 36.55 -13.68
C HIS B 216 -7.29 35.74 -12.72
N TRP B 217 -6.96 35.78 -11.42
CA TRP B 217 -7.54 34.83 -10.48
C TRP B 217 -8.52 35.43 -9.48
N THR B 218 -9.58 34.67 -9.22
CA THR B 218 -10.51 34.96 -8.12
C THR B 218 -10.76 33.69 -7.31
N ALA B 219 -11.00 33.84 -6.01
CA ALA B 219 -11.19 32.70 -5.14
C ALA B 219 -12.60 32.64 -4.55
N PHE B 220 -13.18 31.44 -4.57
CA PHE B 220 -14.48 31.23 -3.94
C PHE B 220 -14.38 30.27 -2.77
N ALA B 221 -14.93 30.68 -1.63
CA ALA B 221 -14.89 29.87 -0.42
C ALA B 221 -16.26 29.88 0.27
N GLY B 222 -16.61 28.77 0.91
CA GLY B 222 -17.88 28.64 1.61
C GLY B 222 -18.98 28.20 0.66
N ILE B 223 -18.61 27.96 -0.59
CA ILE B 223 -19.55 27.56 -1.63
C ILE B 223 -19.24 26.15 -2.12
N LEU B 224 -20.24 25.28 -2.08
CA LEU B 224 -20.05 23.89 -2.51
C LEU B 224 -20.35 23.70 -3.99
N ARG B 225 -21.23 24.54 -4.53
CA ARG B 225 -21.71 24.36 -5.89
C ARG B 225 -21.15 25.41 -6.84
N GLN B 226 -20.62 24.96 -7.97
CA GLN B 226 -20.04 25.85 -8.97
C GLN B 226 -21.08 26.80 -9.54
N SER B 227 -22.34 26.39 -9.56
CA SER B 227 -23.41 27.19 -10.12
C SER B 227 -23.71 28.43 -9.27
N PHE B 228 -23.22 28.43 -8.04
CA PHE B 228 -23.46 29.54 -7.12
C PHE B 228 -22.23 30.42 -6.95
N MET B 229 -21.19 30.13 -7.73
CA MET B 229 -19.98 30.93 -7.68
C MET B 229 -20.10 32.08 -8.65
N PHE B 230 -20.90 33.06 -8.25
CA PHE B 230 -21.32 34.16 -9.12
C PHE B 230 -20.21 35.15 -9.43
N TYR B 231 -20.43 35.93 -10.48
CA TYR B 231 -19.42 36.83 -11.01
C TYR B 231 -19.23 38.03 -10.09
N GLY B 232 -18.39 37.88 -9.09
CA GLY B 232 -18.15 38.93 -8.11
C GLY B 232 -18.43 38.48 -6.69
N ALA B 233 -18.80 37.22 -6.52
CA ALA B 233 -19.06 36.67 -5.19
C ALA B 233 -17.78 36.13 -4.56
N GLY B 234 -16.68 36.18 -5.31
CA GLY B 234 -15.41 35.65 -4.83
C GLY B 234 -14.47 36.76 -4.38
N TYR B 235 -13.23 36.39 -4.09
CA TYR B 235 -12.22 37.32 -3.61
C TYR B 235 -11.11 37.48 -4.63
N GLN B 236 -10.59 38.68 -4.78
CA GLN B 236 -9.55 38.95 -5.76
C GLN B 236 -8.15 38.68 -5.21
N VAL B 237 -7.37 37.92 -5.98
CA VAL B 237 -5.98 37.65 -5.63
C VAL B 237 -5.10 38.85 -6.00
N GLU B 238 -4.29 39.33 -5.05
CA GLU B 238 -3.42 40.47 -5.32
C GLU B 238 -2.05 40.04 -5.79
N LYS B 239 -1.53 38.94 -5.25
CA LYS B 239 -0.24 38.42 -5.73
C LYS B 239 -0.15 36.91 -5.69
N VAL B 240 0.61 36.35 -6.63
CA VAL B 240 0.85 34.92 -6.74
C VAL B 240 2.34 34.63 -6.65
N ILE B 241 2.71 33.76 -5.72
CA ILE B 241 4.12 33.42 -5.52
C ILE B 241 4.37 31.94 -5.74
N SER B 242 5.25 31.61 -6.66
CA SER B 242 5.57 30.22 -6.92
C SER B 242 6.93 29.86 -6.34
N HIS B 243 7.10 28.61 -5.97
CA HIS B 243 8.38 28.17 -5.42
C HIS B 243 9.48 28.43 -6.46
N PRO B 244 10.59 29.06 -6.07
CA PRO B 244 11.69 29.50 -6.93
C PRO B 244 12.45 28.34 -7.54
N ASN B 245 12.29 27.15 -6.97
CA ASN B 245 12.98 25.97 -7.46
C ASN B 245 12.01 25.00 -8.14
N TYR B 246 10.86 25.51 -8.55
CA TYR B 246 9.89 24.67 -9.25
C TYR B 246 10.41 24.22 -10.60
N ASP B 247 10.31 22.90 -10.85
CA ASP B 247 10.74 22.31 -12.09
C ASP B 247 9.56 21.83 -12.91
N SER B 248 9.29 22.53 -14.01
CA SER B 248 8.08 22.32 -14.81
C SER B 248 8.07 20.99 -15.58
N LYS B 249 9.20 20.29 -15.64
CA LYS B 249 9.27 19.04 -16.43
C LYS B 249 9.08 17.87 -15.48
N THR B 250 9.52 18.04 -14.24
CA THR B 250 9.43 16.97 -13.25
C THR B 250 8.41 17.32 -12.18
N LYS B 251 7.88 18.53 -12.25
CA LYS B 251 6.94 19.04 -11.26
C LYS B 251 7.48 18.93 -9.86
N ASN B 252 8.76 19.23 -9.73
CA ASN B 252 9.43 19.22 -8.44
C ASN B 252 9.19 20.54 -7.73
N ASN B 253 8.94 20.47 -6.44
CA ASN B 253 8.63 21.66 -5.66
C ASN B 253 7.40 22.37 -6.22
N ASP B 254 6.37 21.59 -6.52
CA ASP B 254 5.15 22.11 -7.10
C ASP B 254 4.22 22.72 -6.06
N ILE B 255 4.62 23.88 -5.53
CA ILE B 255 3.79 24.60 -4.58
C ILE B 255 3.78 26.08 -4.89
N ALA B 256 2.65 26.72 -4.64
CA ALA B 256 2.53 28.16 -4.80
C ALA B 256 1.55 28.75 -3.80
N LEU B 257 1.72 30.02 -3.50
CA LEU B 257 0.83 30.73 -2.59
C LEU B 257 0.08 31.84 -3.31
N MET B 258 -1.15 32.08 -2.89
CA MET B 258 -1.89 33.23 -3.36
C MET B 258 -2.32 34.11 -2.20
N LYS B 259 -2.19 35.41 -2.37
CA LYS B 259 -2.63 36.34 -1.35
C LYS B 259 -3.83 37.15 -1.82
N LEU B 260 -4.81 37.32 -0.94
CA LEU B 260 -6.01 38.08 -1.26
C LEU B 260 -5.89 39.53 -0.81
N GLN B 261 -6.45 40.45 -1.60
CA GLN B 261 -6.50 41.85 -1.22
C GLN B 261 -7.63 42.12 -0.23
N LYS B 262 -8.51 41.14 -0.10
CA LYS B 262 -9.65 41.22 0.81
C LYS B 262 -9.71 39.95 1.65
N PRO B 263 -9.22 39.99 2.90
CA PRO B 263 -9.14 38.89 3.82
C PRO B 263 -10.49 38.21 3.99
N LEU B 264 -10.45 36.89 4.13
CA LEU B 264 -11.66 36.10 4.31
C LEU B 264 -12.24 36.30 5.69
N THR B 265 -13.56 36.22 5.77
CA THR B 265 -14.22 36.26 7.06
C THR B 265 -14.56 34.85 7.47
N PHE B 266 -14.01 34.41 8.58
CA PHE B 266 -14.18 33.03 9.01
C PHE B 266 -15.47 32.86 9.79
N ASN B 267 -16.13 31.74 9.54
CA ASN B 267 -17.40 31.43 10.14
C ASN B 267 -17.63 29.92 10.21
N ASP B 268 -18.88 29.51 10.25
CA ASP B 268 -19.24 28.09 10.39
C ASP B 268 -18.87 27.29 9.13
N LEU B 269 -18.77 27.97 8.00
CA LEU B 269 -18.52 27.34 6.71
C LEU B 269 -17.11 27.54 6.19
N VAL B 270 -16.46 28.64 6.58
CA VAL B 270 -15.12 28.95 6.10
C VAL B 270 -14.11 28.99 7.24
N LYS B 271 -13.12 28.10 7.20
CA LYS B 271 -12.10 28.01 8.24
C LYS B 271 -10.76 27.54 7.65
N PRO B 272 -9.62 27.89 8.27
CA PRO B 272 -8.28 27.43 7.96
C PRO B 272 -8.02 25.96 8.27
N VAL B 273 -7.02 25.41 7.59
CA VAL B 273 -6.46 24.10 7.91
C VAL B 273 -5.03 24.32 8.40
N CYS B 274 -4.62 23.57 9.42
CA CYS B 274 -3.33 23.80 10.07
C CYS B 274 -2.15 23.36 9.22
N LEU B 275 -1.16 24.24 9.09
CA LEU B 275 0.09 23.83 8.46
C LEU B 275 0.77 22.83 9.37
N PRO B 276 1.41 21.80 8.81
CA PRO B 276 2.08 20.74 9.52
C PRO B 276 3.30 21.27 10.23
N ASN B 277 3.55 20.76 11.42
CA ASN B 277 4.74 21.12 12.17
C ASN B 277 5.77 20.03 11.94
N PRO B 278 7.05 20.32 12.11
CA PRO B 278 8.11 19.35 12.22
C PRO B 278 7.75 18.36 13.32
N GLY B 279 8.02 17.08 13.08
CA GLY B 279 7.74 16.06 14.08
C GLY B 279 6.28 15.57 14.12
N MET B 280 5.56 15.62 12.99
CA MET B 280 4.20 15.11 12.98
C MET B 280 4.14 13.64 13.36
N MET B 281 5.16 12.90 12.94
CA MET B 281 5.24 11.47 13.23
C MET B 281 3.99 10.72 12.81
N LEU B 282 3.61 10.88 11.54
CA LEU B 282 2.43 10.23 11.00
C LEU B 282 2.68 8.76 10.75
N GLN B 283 1.63 7.98 10.71
CA GLN B 283 1.77 6.56 10.45
C GLN B 283 2.23 6.33 9.02
N PRO B 284 2.98 5.25 8.76
CA PRO B 284 3.40 4.77 7.45
C PRO B 284 2.20 4.65 6.50
N GLU B 285 1.04 4.37 7.07
CA GLU B 285 -0.20 4.27 6.31
C GLU B 285 -1.30 5.07 6.99
N GLN B 286 -1.16 6.39 6.94
CA GLN B 286 -2.06 7.30 7.64
C GLN B 286 -3.38 7.44 6.90
N LEU B 287 -4.47 7.54 7.64
CA LEU B 287 -5.79 7.75 7.07
C LEU B 287 -6.02 9.24 6.84
N CYS B 288 -6.24 9.62 5.56
CA CYS B 288 -6.33 11.01 5.13
C CYS B 288 -7.47 11.21 4.16
N TRP B 289 -7.87 12.46 3.94
CA TRP B 289 -8.96 12.78 3.02
C TRP B 289 -8.54 13.70 1.87
N ILE B 290 -9.18 13.51 0.73
CA ILE B 290 -9.02 14.40 -0.41
C ILE B 290 -10.38 14.94 -0.83
N SER B 291 -10.38 16.12 -1.44
CA SER B 291 -11.62 16.70 -1.92
C SER B 291 -11.35 17.72 -3.02
N GLY B 292 -12.37 18.00 -3.83
CA GLY B 292 -12.26 18.99 -4.89
C GLY B 292 -13.41 18.92 -5.87
N TRP B 293 -13.34 19.73 -6.93
CA TRP B 293 -14.39 19.81 -7.93
C TRP B 293 -13.96 19.20 -9.27
N GLY B 294 -12.99 18.30 -9.25
CA GLY B 294 -12.47 17.73 -10.47
C GLY B 294 -13.42 16.70 -11.05
N ALA B 295 -13.02 16.08 -12.15
CA ALA B 295 -13.85 15.09 -12.83
C ALA B 295 -14.03 13.85 -11.96
N THR B 296 -15.20 13.22 -12.08
CA THR B 296 -15.51 12.00 -11.34
C THR B 296 -15.15 10.77 -12.16
N GLU B 297 -14.60 11.00 -13.34
CA GLU B 297 -14.16 9.94 -14.23
C GLU B 297 -13.01 10.42 -15.10
N GLU B 298 -12.22 9.48 -15.61
CA GLU B 298 -11.10 9.83 -16.47
C GLU B 298 -11.65 10.50 -17.73
N LYS B 299 -11.04 11.61 -18.12
CA LYS B 299 -11.48 12.39 -19.27
C LYS B 299 -12.91 12.91 -19.10
N GLY B 300 -13.28 13.16 -17.85
CA GLY B 300 -14.61 13.67 -17.55
C GLY B 300 -14.56 15.19 -17.56
N LYS B 301 -15.61 15.80 -17.02
CA LYS B 301 -15.70 17.26 -16.93
C LYS B 301 -15.84 17.69 -15.49
N THR B 302 -15.55 18.96 -15.20
CA THR B 302 -15.67 19.50 -13.84
C THR B 302 -16.97 19.23 -13.11
N SER B 303 -16.87 18.81 -11.86
CA SER B 303 -18.04 18.44 -11.08
C SER B 303 -18.75 19.67 -10.52
N GLU B 304 -20.07 19.68 -10.61
CA GLU B 304 -20.88 20.77 -10.09
C GLU B 304 -20.68 20.97 -8.59
N VAL B 305 -20.64 19.88 -7.84
CA VAL B 305 -20.51 20.00 -6.40
C VAL B 305 -19.27 19.39 -5.81
N LEU B 306 -18.78 19.99 -4.74
CA LEU B 306 -17.60 19.49 -4.06
C LEU B 306 -17.78 18.05 -3.62
N ASN B 307 -16.82 17.20 -3.97
CA ASN B 307 -16.82 15.80 -3.58
C ASN B 307 -15.62 15.49 -2.71
N ALA B 308 -15.73 14.44 -1.91
CA ALA B 308 -14.62 14.04 -1.05
C ALA B 308 -14.51 12.53 -0.93
N ALA B 309 -13.29 12.05 -0.72
CA ALA B 309 -13.04 10.62 -0.56
C ALA B 309 -11.92 10.40 0.43
N LYS B 310 -11.95 9.24 1.07
CA LYS B 310 -10.95 8.84 2.03
C LYS B 310 -9.86 8.03 1.35
N VAL B 311 -8.61 8.41 1.57
CA VAL B 311 -7.47 7.74 0.98
C VAL B 311 -6.43 7.40 2.05
N LEU B 312 -5.51 6.51 1.72
CA LEU B 312 -4.41 6.18 2.61
C LEU B 312 -3.11 6.71 2.04
N LEU B 313 -2.16 7.03 2.90
CA LEU B 313 -0.84 7.42 2.39
C LEU B 313 -0.04 6.20 1.98
N ILE B 314 0.78 6.36 0.96
CA ILE B 314 1.66 5.29 0.49
C ILE B 314 3.14 5.64 0.64
N GLU B 315 3.92 4.71 1.17
CA GLU B 315 5.33 4.96 1.37
C GLU B 315 6.11 5.22 0.08
N THR B 316 7.02 6.18 0.14
CA THR B 316 7.83 6.58 -1.01
C THR B 316 8.61 5.35 -1.45
N GLN B 317 9.05 4.55 -0.49
CA GLN B 317 9.82 3.36 -0.80
C GLN B 317 9.11 2.49 -1.82
N ARG B 318 7.78 2.40 -1.72
CA ARG B 318 7.01 1.61 -2.66
C ARG B 318 6.73 2.36 -3.96
N CYS B 319 6.43 3.66 -3.86
CA CYS B 319 6.09 4.49 -5.01
C CYS B 319 7.27 4.55 -5.99
N ASN B 320 8.48 4.54 -5.49
CA ASN B 320 9.64 4.62 -6.35
C ASN B 320 10.05 3.29 -6.96
N SER B 321 9.28 2.23 -6.70
CA SER B 321 9.59 0.94 -7.29
C SER B 321 9.28 1.03 -8.78
N ARG B 322 9.81 0.07 -9.54
CA ARG B 322 9.65 0.08 -10.99
C ARG B 322 8.22 -0.14 -11.44
N TYR B 323 7.38 -0.61 -10.53
CA TYR B 323 6.03 -1.02 -10.90
C TYR B 323 5.03 0.08 -10.59
N VAL B 324 5.50 1.20 -10.05
CA VAL B 324 4.61 2.32 -9.78
C VAL B 324 5.12 3.61 -10.42
N TYR B 325 6.09 4.26 -9.80
CA TYR B 325 6.71 5.46 -10.38
C TYR B 325 8.23 5.38 -10.29
N ASP B 326 8.84 4.59 -11.18
CA ASP B 326 10.26 4.27 -11.14
C ASP B 326 11.14 5.50 -10.87
N ASN B 327 11.54 5.67 -9.62
CA ASN B 327 12.39 6.78 -9.19
C ASN B 327 11.90 8.16 -9.61
N LEU B 328 10.58 8.39 -9.56
CA LEU B 328 10.06 9.71 -9.91
C LEU B 328 9.63 10.53 -8.71
N ILE B 329 9.59 9.91 -7.53
CA ILE B 329 9.09 10.58 -6.35
C ILE B 329 10.23 11.10 -5.47
N THR B 330 10.33 12.41 -5.37
CA THR B 330 11.37 13.11 -4.61
C THR B 330 10.88 13.28 -3.16
N PRO B 331 11.75 13.68 -2.20
CA PRO B 331 11.42 14.00 -0.83
C PRO B 331 10.31 15.03 -0.71
N ALA B 332 10.16 15.85 -1.74
CA ALA B 332 9.17 16.91 -1.78
C ALA B 332 7.82 16.41 -2.29
N MET B 333 7.69 15.09 -2.44
CA MET B 333 6.45 14.51 -2.96
C MET B 333 5.91 13.40 -2.04
N ILE B 334 4.59 13.36 -1.93
CA ILE B 334 3.88 12.33 -1.17
C ILE B 334 2.93 11.55 -2.07
N CYS B 335 2.92 10.21 -1.92
CA CYS B 335 1.90 9.41 -2.60
C CYS B 335 0.69 9.21 -1.67
N ALA B 336 -0.49 9.24 -2.25
CA ALA B 336 -1.69 8.91 -1.51
C ALA B 336 -2.72 8.27 -2.44
N GLY B 337 -3.58 7.45 -1.88
CA GLY B 337 -4.58 6.76 -2.67
C GLY B 337 -4.39 5.26 -2.51
N PHE B 338 -4.92 4.49 -3.45
CA PHE B 338 -4.81 3.04 -3.38
C PHE B 338 -4.10 2.49 -4.62
N LEU B 339 -3.37 1.41 -4.44
CA LEU B 339 -2.64 0.79 -5.55
C LEU B 339 -3.58 0.00 -6.44
N GLN B 340 -4.84 -0.09 -6.02
CA GLN B 340 -5.86 -0.78 -6.79
C GLN B 340 -6.67 0.21 -7.63
N GLY B 341 -6.34 1.49 -7.49
CA GLY B 341 -7.12 2.54 -8.14
C GLY B 341 -8.44 2.73 -7.41
N ASN B 342 -9.49 3.02 -8.18
CA ASN B 342 -10.85 3.22 -7.68
C ASN B 342 -11.06 4.56 -7.00
N VAL B 343 -10.23 4.87 -6.00
CA VAL B 343 -10.36 6.13 -5.29
C VAL B 343 -9.11 6.98 -5.41
N ASP B 344 -9.25 8.15 -6.02
CA ASP B 344 -8.14 9.07 -6.19
C ASP B 344 -8.62 10.43 -6.70
N SER B 345 -7.70 11.37 -6.86
CA SER B 345 -8.02 12.67 -7.43
C SER B 345 -8.03 12.58 -8.95
N CYS B 346 -8.53 13.63 -9.63
CA CYS B 346 -8.60 13.65 -11.08
C CYS B 346 -8.45 15.07 -11.61
N GLN B 347 -8.64 15.23 -12.91
CA GLN B 347 -8.38 16.56 -13.53
C GLN B 347 -9.29 17.60 -12.90
N GLY B 348 -8.72 18.74 -12.54
CA GLY B 348 -9.49 19.82 -11.94
C GLY B 348 -9.31 19.89 -10.43
N ASP B 349 -8.70 18.84 -9.85
CA ASP B 349 -8.45 18.83 -8.41
C ASP B 349 -7.07 19.35 -8.08
N ALA B 350 -6.34 19.77 -9.11
CA ALA B 350 -4.98 20.28 -8.93
C ALA B 350 -4.98 21.41 -7.91
N GLY B 351 -4.02 21.38 -7.00
CA GLY B 351 -3.91 22.39 -5.96
C GLY B 351 -4.74 22.05 -4.73
N GLY B 352 -5.64 21.08 -4.88
CA GLY B 352 -6.53 20.72 -3.79
C GLY B 352 -5.76 20.10 -2.65
N PRO B 353 -6.23 20.27 -1.41
CA PRO B 353 -5.62 19.79 -0.19
C PRO B 353 -5.70 18.29 0.02
N LEU B 354 -4.68 17.78 0.69
CA LEU B 354 -4.66 16.44 1.28
C LEU B 354 -4.57 16.62 2.78
N VAL B 355 -5.65 16.31 3.50
CA VAL B 355 -5.69 16.60 4.93
C VAL B 355 -5.79 15.34 5.78
N CYS B 356 -5.01 15.29 6.86
CA CYS B 356 -4.95 14.14 7.76
C CYS B 356 -5.34 14.58 9.17
N SER B 357 -6.06 13.71 9.87
CA SER B 357 -6.52 14.02 11.21
C SER B 357 -5.66 13.38 12.29
N LYS B 358 -5.05 14.22 13.13
CA LYS B 358 -4.25 13.75 14.25
C LYS B 358 -4.37 14.72 15.41
N ASN B 359 -4.51 14.19 16.62
CA ASN B 359 -4.68 15.01 17.81
C ASN B 359 -5.92 15.90 17.67
N ASN B 360 -6.94 15.36 17.02
CA ASN B 360 -8.22 16.05 16.81
C ASN B 360 -8.11 17.28 15.94
N ILE B 361 -7.00 17.41 15.21
CA ILE B 361 -6.77 18.55 14.34
C ILE B 361 -6.55 18.11 12.89
N TRP B 362 -7.17 18.82 11.96
CA TRP B 362 -6.94 18.55 10.54
C TRP B 362 -5.73 19.32 10.05
N TRP B 363 -4.75 18.59 9.53
CA TRP B 363 -3.48 19.16 9.10
C TRP B 363 -3.36 19.10 7.58
N LEU B 364 -2.71 20.10 7.00
CA LEU B 364 -2.46 20.11 5.57
C LEU B 364 -1.17 19.39 5.26
N ILE B 365 -1.29 18.18 4.76
CA ILE B 365 -0.11 17.36 4.54
C ILE B 365 0.42 17.55 3.14
N GLY B 366 -0.47 17.66 2.17
CA GLY B 366 -0.03 17.83 0.80
C GLY B 366 -1.04 18.55 -0.07
N ASP B 367 -0.68 18.73 -1.34
CA ASP B 367 -1.54 19.35 -2.33
C ASP B 367 -1.45 18.65 -3.69
N THR B 368 -2.59 18.42 -4.32
CA THR B 368 -2.62 17.65 -5.56
C THR B 368 -1.69 18.25 -6.60
N SER B 369 -0.80 17.43 -7.14
CA SER B 369 0.20 17.88 -8.10
C SER B 369 0.09 17.14 -9.43
N TRP B 370 0.31 15.84 -9.43
CA TRP B 370 0.31 15.09 -10.68
C TRP B 370 0.00 13.61 -10.49
N GLY B 371 -0.03 12.89 -11.59
CA GLY B 371 -0.29 11.47 -11.57
C GLY B 371 -0.30 10.92 -12.97
N SER B 372 -0.76 9.70 -13.12
CA SER B 372 -0.86 9.05 -14.41
C SER B 372 -2.20 8.35 -14.50
N GLY B 373 -3.03 8.78 -15.43
CA GLY B 373 -4.39 8.28 -15.53
C GLY B 373 -5.24 8.91 -14.43
N CYS B 374 -6.34 8.25 -14.07
CA CYS B 374 -7.29 8.74 -13.08
C CYS B 374 -7.89 7.57 -12.30
N ALA B 375 -7.43 7.40 -11.06
CA ALA B 375 -7.84 6.30 -10.19
C ALA B 375 -7.57 4.92 -10.82
N LYS B 376 -6.38 4.77 -11.40
CA LYS B 376 -5.98 3.50 -12.00
C LYS B 376 -5.04 2.70 -11.09
N ALA B 377 -5.02 1.38 -11.29
CA ALA B 377 -4.14 0.51 -10.51
C ALA B 377 -2.68 0.81 -10.79
N TYR B 378 -1.86 0.70 -9.75
CA TYR B 378 -0.42 0.93 -9.81
C TYR B 378 -0.07 2.39 -10.10
N ARG B 379 -1.05 3.28 -10.03
CA ARG B 379 -0.81 4.70 -10.28
C ARG B 379 -1.53 5.62 -9.30
N PRO B 380 -1.04 5.75 -8.06
CA PRO B 380 -1.53 6.64 -7.02
C PRO B 380 -1.33 8.10 -7.40
N GLY B 381 -2.18 8.96 -6.88
CA GLY B 381 -1.98 10.39 -7.05
C GLY B 381 -0.73 10.85 -6.28
N VAL B 382 -0.06 11.87 -6.82
CA VAL B 382 1.11 12.43 -6.19
C VAL B 382 0.85 13.87 -5.75
N TYR B 383 1.22 14.16 -4.51
CA TYR B 383 0.93 15.44 -3.87
C TYR B 383 2.22 16.14 -3.47
N GLY B 384 2.21 17.46 -3.48
CA GLY B 384 3.36 18.20 -2.97
C GLY B 384 3.47 17.98 -1.47
N ASN B 385 4.68 17.88 -0.97
CA ASN B 385 4.91 17.65 0.45
C ASN B 385 5.00 18.96 1.22
N VAL B 386 3.87 19.37 1.79
CA VAL B 386 3.78 20.68 2.44
C VAL B 386 4.70 20.78 3.63
N MET B 387 4.89 19.67 4.34
CA MET B 387 5.77 19.63 5.51
C MET B 387 7.18 20.12 5.15
N VAL B 388 7.57 19.94 3.89
CA VAL B 388 8.86 20.37 3.40
C VAL B 388 8.87 21.87 3.09
N PHE B 389 7.77 22.36 2.54
CA PHE B 389 7.69 23.74 2.06
C PHE B 389 7.23 24.69 3.15
N THR B 390 7.06 24.19 4.37
CA THR B 390 6.54 24.99 5.47
C THR B 390 7.44 26.17 5.81
N ASP B 391 8.76 25.97 5.77
CA ASP B 391 9.69 27.08 6.05
C ASP B 391 9.61 28.14 4.97
N TRP B 392 9.48 27.72 3.72
CA TRP B 392 9.32 28.64 2.61
C TRP B 392 8.05 29.46 2.77
N ILE B 393 6.97 28.79 3.16
CA ILE B 393 5.70 29.47 3.34
C ILE B 393 5.80 30.54 4.41
N TYR B 394 6.44 30.23 5.53
CA TYR B 394 6.60 31.20 6.61
C TYR B 394 7.41 32.41 6.17
N ARG B 395 8.47 32.19 5.40
CA ARG B 395 9.29 33.29 4.94
C ARG B 395 8.51 34.27 4.08
N GLN B 396 7.57 33.75 3.30
CA GLN B 396 6.75 34.59 2.44
C GLN B 396 5.62 35.28 3.20
N MET B 397 5.04 34.59 4.17
CA MET B 397 4.02 35.23 4.99
C MET B 397 4.62 36.32 5.86
N ARG B 398 5.85 36.10 6.32
CA ARG B 398 6.54 37.07 7.18
C ARG B 398 7.06 38.26 6.39
N ALA B 399 7.60 37.99 5.20
CA ALA B 399 8.14 39.05 4.37
C ALA B 399 7.02 39.74 3.61
N ASP B 400 6.12 40.41 4.35
CA ASP B 400 4.95 41.07 3.80
C ASP B 400 4.36 42.06 4.81
C1 NAG C . 20.07 38.83 30.91
C2 NAG C . 21.43 38.12 31.22
C3 NAG C . 22.37 39.14 31.87
C4 NAG C . 22.59 40.32 30.89
C5 NAG C . 21.22 40.95 30.59
C6 NAG C . 21.30 42.08 29.57
C7 NAG C . 21.52 35.75 31.81
C8 NAG C . 21.28 34.61 32.76
N2 NAG C . 21.18 37.00 32.14
O3 NAG C . 23.64 38.49 32.15
O4 NAG C . 23.45 41.30 31.53
O5 NAG C . 20.32 39.96 30.02
O6 NAG C . 21.77 43.27 30.17
O7 NAG C . 22.06 35.52 30.72
C1 NAG C . 24.66 41.63 30.72
C2 NAG C . 25.38 42.86 31.35
C3 NAG C . 26.60 43.20 30.47
C4 NAG C . 27.53 41.97 30.40
C5 NAG C . 26.73 40.78 29.81
C6 NAG C . 27.58 39.52 29.77
C7 NAG C . 24.04 44.49 32.55
C8 NAG C . 23.10 45.67 32.56
N2 NAG C . 24.47 44.00 31.38
O3 NAG C . 27.31 44.31 31.03
O4 NAG C . 28.66 42.26 29.61
O5 NAG C . 25.55 40.50 30.63
O6 NAG C . 26.99 38.51 28.94
O7 NAG C . 24.42 43.99 33.61
C1 NAG D . 19.86 -31.65 -10.67
C2 NAG D . 19.44 -32.73 -11.72
C3 NAG D . 20.71 -33.47 -12.17
C4 NAG D . 21.70 -32.44 -12.77
C5 NAG D . 22.02 -31.37 -11.71
C6 NAG D . 22.94 -30.28 -12.25
C7 NAG D . 17.24 -33.73 -11.47
C8 NAG D . 16.29 -34.67 -10.81
N2 NAG D . 18.51 -33.66 -11.07
O3 NAG D . 20.39 -34.46 -13.15
O4 NAG D . 22.89 -33.10 -13.17
O5 NAG D . 20.80 -30.72 -11.26
O6 NAG D . 23.50 -29.52 -11.18
O7 NAG D . 16.83 -33.02 -12.40
C1 NAG E . -12.09 -16.39 -17.12
C2 NAG E . -12.13 -14.83 -17.26
C3 NAG E . -13.30 -14.30 -16.42
C4 NAG E . -14.60 -14.92 -16.91
C5 NAG E . -14.51 -16.46 -16.79
C6 NAG E . -15.74 -17.15 -17.33
C7 NAG E . -9.92 -13.87 -17.60
C8 NAG E . -8.63 -13.31 -17.07
N2 NAG E . -10.86 -14.29 -16.76
O3 NAG E . -13.36 -12.87 -16.52
O4 NAG E . -15.70 -14.44 -16.14
O5 NAG E . -13.36 -16.94 -17.57
O6 NAG E . -15.78 -18.52 -16.92
O7 NAG E . -10.10 -13.94 -18.82
C1 NAG F . 16.03 -51.80 1.19
C2 NAG F . 15.78 -53.13 0.40
C3 NAG F . 16.72 -54.21 0.99
C4 NAG F . 18.18 -53.75 0.85
C5 NAG F . 18.35 -52.41 1.58
C6 NAG F . 19.75 -51.84 1.41
C7 NAG F . 13.50 -53.35 -0.38
C8 NAG F . 12.09 -53.81 -0.20
N2 NAG F . 14.40 -53.56 0.58
O3 NAG F . 16.52 -55.44 0.28
O4 NAG F . 19.02 -54.72 1.46
O5 NAG F . 17.42 -51.42 1.05
O6 NAG F . 20.69 -52.50 2.24
O7 NAG F . 13.83 -52.79 -1.43
#